data_1COR
# 
_entry.id   1COR 
# 
_audit_conform.dict_name       mmcif_pdbx.dic 
_audit_conform.dict_version    5.398 
_audit_conform.dict_location   http://mmcif.pdb.org/dictionaries/ascii/mmcif_pdbx.dic 
# 
loop_
_database_2.database_id 
_database_2.database_code 
_database_2.pdbx_database_accession 
_database_2.pdbx_DOI 
PDB   1COR         pdb_00001cor 10.2210/pdb1cor/pdb 
WWPDB D_1000172439 ?            ?                   
# 
loop_
_pdbx_audit_revision_history.ordinal 
_pdbx_audit_revision_history.data_content_type 
_pdbx_audit_revision_history.major_revision 
_pdbx_audit_revision_history.minor_revision 
_pdbx_audit_revision_history.revision_date 
1 'Structure model' 1 0 1993-10-31 
2 'Structure model' 1 1 2008-03-24 
3 'Structure model' 1 2 2011-07-13 
4 'Structure model' 2 0 2019-12-25 
5 'Structure model' 3 0 2020-01-22 
6 'Structure model' 3 1 2021-03-10 
7 'Structure model' 3 2 2024-10-30 
# 
_pdbx_audit_revision_details.ordinal             1 
_pdbx_audit_revision_details.revision_ordinal    1 
_pdbx_audit_revision_details.data_content_type   'Structure model' 
_pdbx_audit_revision_details.provider            repository 
_pdbx_audit_revision_details.type                'Initial release' 
_pdbx_audit_revision_details.description         ? 
_pdbx_audit_revision_details.details             ? 
# 
loop_
_pdbx_audit_revision_group.ordinal 
_pdbx_audit_revision_group.revision_ordinal 
_pdbx_audit_revision_group.data_content_type 
_pdbx_audit_revision_group.group 
1  2 'Structure model' 'Version format compliance' 
2  3 'Structure model' 'Version format compliance' 
3  4 'Structure model' 'Derived calculations'      
4  4 'Structure model' Other                       
5  4 'Structure model' 'Polymer sequence'          
6  5 'Structure model' 'Atomic model'              
7  5 'Structure model' 'Data collection'           
8  5 'Structure model' 'Derived calculations'      
9  5 'Structure model' 'Non-polymer description'   
10 5 'Structure model' 'Structure summary'         
11 6 'Structure model' 'Derived calculations'      
12 7 'Structure model' 'Data collection'           
13 7 'Structure model' 'Database references'       
14 7 'Structure model' 'Structure summary'         
# 
loop_
_pdbx_audit_revision_category.ordinal 
_pdbx_audit_revision_category.revision_ordinal 
_pdbx_audit_revision_category.data_content_type 
_pdbx_audit_revision_category.category 
1  4 'Structure model' entity_poly               
2  4 'Structure model' pdbx_database_status      
3  4 'Structure model' pdbx_struct_assembly      
4  4 'Structure model' pdbx_struct_mod_residue   
5  4 'Structure model' pdbx_struct_oper_list     
6  4 'Structure model' struct_conn               
7  5 'Structure model' atom_site                 
8  5 'Structure model' chem_comp                 
9  5 'Structure model' entity                    
10 5 'Structure model' pdbx_entity_nonpoly       
11 5 'Structure model' pdbx_nonpoly_scheme       
12 5 'Structure model' pdbx_struct_assembly      
13 5 'Structure model' pdbx_struct_conn_angle    
14 5 'Structure model' struct_conn               
15 6 'Structure model' struct_conn               
16 7 'Structure model' chem_comp_atom            
17 7 'Structure model' chem_comp_bond            
18 7 'Structure model' database_2                
19 7 'Structure model' pdbx_entry_details        
20 7 'Structure model' pdbx_modification_feature 
# 
loop_
_pdbx_audit_revision_item.ordinal 
_pdbx_audit_revision_item.revision_ordinal 
_pdbx_audit_revision_item.data_content_type 
_pdbx_audit_revision_item.item 
1  4 'Structure model' '_entity_poly.pdbx_seq_one_letter_code_can'   
2  4 'Structure model' '_pdbx_database_status.process_site'          
3  4 'Structure model' '_pdbx_struct_mod_residue.parent_comp_id'     
4  4 'Structure model' '_struct_conn.pdbx_leaving_atom_flag'         
5  5 'Structure model' '_atom_site.Cartn_x'                          
6  5 'Structure model' '_atom_site.Cartn_y'                          
7  5 'Structure model' '_atom_site.Cartn_z'                          
8  5 'Structure model' '_atom_site.auth_atom_id'                     
9  5 'Structure model' '_atom_site.auth_comp_id'                     
10 5 'Structure model' '_atom_site.label_atom_id'                    
11 5 'Structure model' '_atom_site.label_comp_id'                    
12 5 'Structure model' '_atom_site.type_symbol'                      
13 5 'Structure model' '_chem_comp.formula'                          
14 5 'Structure model' '_chem_comp.formula_weight'                   
15 5 'Structure model' '_chem_comp.id'                               
16 5 'Structure model' '_chem_comp.name'                             
17 5 'Structure model' '_chem_comp.pdbx_synonyms'                    
18 5 'Structure model' '_entity.formula_weight'                      
19 5 'Structure model' '_entity.pdbx_description'                    
20 5 'Structure model' '_pdbx_entity_nonpoly.comp_id'                
21 5 'Structure model' '_pdbx_entity_nonpoly.name'                   
22 5 'Structure model' '_pdbx_nonpoly_scheme.mon_id'                 
23 5 'Structure model' '_pdbx_nonpoly_scheme.pdb_mon_id'             
24 5 'Structure model' '_pdbx_struct_assembly.details'               
25 5 'Structure model' '_pdbx_struct_assembly.method_details'        
26 5 'Structure model' '_pdbx_struct_conn_angle.ptnr1_auth_comp_id'  
27 5 'Structure model' '_pdbx_struct_conn_angle.ptnr1_label_comp_id' 
28 5 'Structure model' '_pdbx_struct_conn_angle.ptnr2_auth_comp_id'  
29 5 'Structure model' '_pdbx_struct_conn_angle.ptnr2_label_comp_id' 
30 5 'Structure model' '_pdbx_struct_conn_angle.ptnr3_auth_comp_id'  
31 5 'Structure model' '_pdbx_struct_conn_angle.ptnr3_label_comp_id' 
32 5 'Structure model' '_struct_conn.ptnr1_auth_comp_id'             
33 5 'Structure model' '_struct_conn.ptnr1_label_comp_id'            
34 5 'Structure model' '_struct_conn.ptnr2_auth_comp_id'             
35 5 'Structure model' '_struct_conn.ptnr2_label_comp_id'            
36 6 'Structure model' '_struct_conn.ptnr1_auth_comp_id'             
37 6 'Structure model' '_struct_conn.ptnr1_auth_seq_id'              
38 6 'Structure model' '_struct_conn.ptnr1_label_asym_id'            
39 6 'Structure model' '_struct_conn.ptnr1_label_atom_id'            
40 6 'Structure model' '_struct_conn.ptnr1_label_comp_id'            
41 6 'Structure model' '_struct_conn.ptnr1_label_seq_id'             
42 6 'Structure model' '_struct_conn.ptnr2_auth_comp_id'             
43 6 'Structure model' '_struct_conn.ptnr2_auth_seq_id'              
44 6 'Structure model' '_struct_conn.ptnr2_label_asym_id'            
45 6 'Structure model' '_struct_conn.ptnr2_label_atom_id'            
46 6 'Structure model' '_struct_conn.ptnr2_label_comp_id'            
47 6 'Structure model' '_struct_conn.ptnr2_label_seq_id'             
48 7 'Structure model' '_database_2.pdbx_DOI'                        
49 7 'Structure model' '_database_2.pdbx_database_accession'         
# 
_pdbx_database_status.status_code                     REL 
_pdbx_database_status.entry_id                        1COR 
_pdbx_database_status.recvd_initial_deposition_date   1993-06-23 
_pdbx_database_status.deposit_site                    ? 
_pdbx_database_status.process_site                    BNL 
_pdbx_database_status.SG_entry                        . 
_pdbx_database_status.pdb_format_compatible           Y 
_pdbx_database_status.status_code_mr                  ? 
_pdbx_database_status.status_code_sf                  ? 
_pdbx_database_status.status_code_cs                  ? 
_pdbx_database_status.methods_development_category    ? 
_pdbx_database_status.status_code_nmr_data            ? 
# 
loop_
_audit_author.name 
_audit_author.pdbx_ordinal 
'Cai, M.'        1 
'Bradford, E.G.' 2 
'Timkovich, R.'  3 
# 
_citation.id                        primary 
_citation.title                     'Investigation of the solution conformation of cytochrome c-551 from Pseudomonas stutzeri.' 
_citation.journal_abbrev            Biochemistry 
_citation.journal_volume            31 
_citation.page_first                8603 
_citation.page_last                 8612 
_citation.year                      1992 
_citation.journal_id_ASTM           BICHAW 
_citation.country                   US 
_citation.journal_id_ISSN           0006-2960 
_citation.journal_id_CSD            0033 
_citation.book_publisher            ? 
_citation.pdbx_database_id_PubMed   1327105 
_citation.pdbx_database_id_DOI      10.1021/bi00151a030 
# 
loop_
_citation_author.citation_id 
_citation_author.name 
_citation_author.ordinal 
_citation_author.identifier_ORCID 
primary 'Cai, M.'        1 ? 
primary 'Bradford, E.G.' 2 ? 
primary 'Timkovich, R.'  3 ? 
# 
loop_
_entity.id 
_entity.type 
_entity.src_method 
_entity.pdbx_description 
_entity.formula_weight 
_entity.pdbx_number_of_molecules 
_entity.pdbx_ec 
_entity.pdbx_mutation 
_entity.pdbx_fragment 
_entity.details 
1 polymer     man 'CYTOCHROME C551' 8604.794 1 ? ? ? ? 
2 non-polymer syn 'HEME C'          618.503  1 ? ? ? ? 
# 
_entity_poly.entity_id                      1 
_entity_poly.type                           'polypeptide(L)' 
_entity_poly.nstd_linkage                   no 
_entity_poly.nstd_monomer                   yes 
_entity_poly.pdbx_seq_one_letter_code       
;(PCA)DGEALFKSKPCAACHSIDAKLVGPAFKEVAAKYAGQDGAADLLAGHIKNGSQGVWGPIPMPPNPVTEEEAKILAE
WILSQK
;
_entity_poly.pdbx_seq_one_letter_code_can   
;QDGEALFKSKPCAACHSIDAKLVGPAFKEVAAKYAGQDGAADLLAGHIKNGSQGVWGPIPMPPNPVTEEEAKILAEWILS
QK
;
_entity_poly.pdbx_strand_id                 A 
_entity_poly.pdbx_target_identifier         ? 
# 
_pdbx_entity_nonpoly.entity_id   2 
_pdbx_entity_nonpoly.name        'HEME C' 
_pdbx_entity_nonpoly.comp_id     HEC 
# 
loop_
_entity_poly_seq.entity_id 
_entity_poly_seq.num 
_entity_poly_seq.mon_id 
_entity_poly_seq.hetero 
1 1  PCA n 
1 2  ASP n 
1 3  GLY n 
1 4  GLU n 
1 5  ALA n 
1 6  LEU n 
1 7  PHE n 
1 8  LYS n 
1 9  SER n 
1 10 LYS n 
1 11 PRO n 
1 12 CYS n 
1 13 ALA n 
1 14 ALA n 
1 15 CYS n 
1 16 HIS n 
1 17 SER n 
1 18 ILE n 
1 19 ASP n 
1 20 ALA n 
1 21 LYS n 
1 22 LEU n 
1 23 VAL n 
1 24 GLY n 
1 25 PRO n 
1 26 ALA n 
1 27 PHE n 
1 28 LYS n 
1 29 GLU n 
1 30 VAL n 
1 31 ALA n 
1 32 ALA n 
1 33 LYS n 
1 34 TYR n 
1 35 ALA n 
1 36 GLY n 
1 37 GLN n 
1 38 ASP n 
1 39 GLY n 
1 40 ALA n 
1 41 ALA n 
1 42 ASP n 
1 43 LEU n 
1 44 LEU n 
1 45 ALA n 
1 46 GLY n 
1 47 HIS n 
1 48 ILE n 
1 49 LYS n 
1 50 ASN n 
1 51 GLY n 
1 52 SER n 
1 53 GLN n 
1 54 GLY n 
1 55 VAL n 
1 56 TRP n 
1 57 GLY n 
1 58 PRO n 
1 59 ILE n 
1 60 PRO n 
1 61 MET n 
1 62 PRO n 
1 63 PRO n 
1 64 ASN n 
1 65 PRO n 
1 66 VAL n 
1 67 THR n 
1 68 GLU n 
1 69 GLU n 
1 70 GLU n 
1 71 ALA n 
1 72 LYS n 
1 73 ILE n 
1 74 LEU n 
1 75 ALA n 
1 76 GLU n 
1 77 TRP n 
1 78 ILE n 
1 79 LEU n 
1 80 SER n 
1 81 GLN n 
1 82 LYS n 
# 
_entity_src_gen.entity_id                          1 
_entity_src_gen.pdbx_src_id                        1 
_entity_src_gen.pdbx_alt_source_flag               sample 
_entity_src_gen.pdbx_seq_type                      ? 
_entity_src_gen.pdbx_beg_seq_num                   ? 
_entity_src_gen.pdbx_end_seq_num                   ? 
_entity_src_gen.gene_src_common_name               ? 
_entity_src_gen.gene_src_genus                     Pseudomonas 
_entity_src_gen.pdbx_gene_src_gene                 ? 
_entity_src_gen.gene_src_species                   ? 
_entity_src_gen.gene_src_strain                    ? 
_entity_src_gen.gene_src_tissue                    ? 
_entity_src_gen.gene_src_tissue_fraction           ? 
_entity_src_gen.gene_src_details                   ? 
_entity_src_gen.pdbx_gene_src_fragment             ? 
_entity_src_gen.pdbx_gene_src_scientific_name      'Pseudomonas stutzeri' 
_entity_src_gen.pdbx_gene_src_ncbi_taxonomy_id     316 
_entity_src_gen.pdbx_gene_src_variant              ? 
_entity_src_gen.pdbx_gene_src_cell_line            ? 
_entity_src_gen.pdbx_gene_src_atcc                 ? 
_entity_src_gen.pdbx_gene_src_organ                ? 
_entity_src_gen.pdbx_gene_src_organelle            ? 
_entity_src_gen.pdbx_gene_src_cell                 ? 
_entity_src_gen.pdbx_gene_src_cellular_location    ? 
_entity_src_gen.host_org_common_name               ? 
_entity_src_gen.pdbx_host_org_scientific_name      ? 
_entity_src_gen.pdbx_host_org_ncbi_taxonomy_id     ? 
_entity_src_gen.host_org_genus                     ? 
_entity_src_gen.pdbx_host_org_gene                 ? 
_entity_src_gen.pdbx_host_org_organ                ? 
_entity_src_gen.host_org_species                   ? 
_entity_src_gen.pdbx_host_org_tissue               ? 
_entity_src_gen.pdbx_host_org_tissue_fraction      ? 
_entity_src_gen.pdbx_host_org_strain               ? 
_entity_src_gen.pdbx_host_org_variant              ? 
_entity_src_gen.pdbx_host_org_cell_line            ? 
_entity_src_gen.pdbx_host_org_atcc                 ? 
_entity_src_gen.pdbx_host_org_culture_collection   ? 
_entity_src_gen.pdbx_host_org_cell                 ? 
_entity_src_gen.pdbx_host_org_organelle            ? 
_entity_src_gen.pdbx_host_org_cellular_location    ? 
_entity_src_gen.pdbx_host_org_vector_type          ? 
_entity_src_gen.pdbx_host_org_vector               ? 
_entity_src_gen.host_org_details                   ? 
_entity_src_gen.expression_system_id               ? 
_entity_src_gen.plasmid_name                       ? 
_entity_src_gen.plasmid_details                    ? 
_entity_src_gen.pdbx_description                   ? 
# 
loop_
_chem_comp.id 
_chem_comp.type 
_chem_comp.mon_nstd_flag 
_chem_comp.name 
_chem_comp.pdbx_synonyms 
_chem_comp.formula 
_chem_comp.formula_weight 
ALA 'L-peptide linking' y ALANINE             ? 'C3 H7 N O2'       89.093  
ASN 'L-peptide linking' y ASPARAGINE          ? 'C4 H8 N2 O3'      132.118 
ASP 'L-peptide linking' y 'ASPARTIC ACID'     ? 'C4 H7 N O4'       133.103 
CYS 'L-peptide linking' y CYSTEINE            ? 'C3 H7 N O2 S'     121.158 
GLN 'L-peptide linking' y GLUTAMINE           ? 'C5 H10 N2 O3'     146.144 
GLU 'L-peptide linking' y 'GLUTAMIC ACID'     ? 'C5 H9 N O4'       147.129 
GLY 'peptide linking'   y GLYCINE             ? 'C2 H5 N O2'       75.067  
HEC non-polymer         . 'HEME C'            ? 'C34 H34 Fe N4 O4' 618.503 
HIS 'L-peptide linking' y HISTIDINE           ? 'C6 H10 N3 O2 1'   156.162 
ILE 'L-peptide linking' y ISOLEUCINE          ? 'C6 H13 N O2'      131.173 
LEU 'L-peptide linking' y LEUCINE             ? 'C6 H13 N O2'      131.173 
LYS 'L-peptide linking' y LYSINE              ? 'C6 H15 N2 O2 1'   147.195 
MET 'L-peptide linking' y METHIONINE          ? 'C5 H11 N O2 S'    149.211 
PCA 'L-peptide linking' n 'PYROGLUTAMIC ACID' ? 'C5 H7 N O3'       129.114 
PHE 'L-peptide linking' y PHENYLALANINE       ? 'C9 H11 N O2'      165.189 
PRO 'L-peptide linking' y PROLINE             ? 'C5 H9 N O2'       115.130 
SER 'L-peptide linking' y SERINE              ? 'C3 H7 N O3'       105.093 
THR 'L-peptide linking' y THREONINE           ? 'C4 H9 N O3'       119.119 
TRP 'L-peptide linking' y TRYPTOPHAN          ? 'C11 H12 N2 O2'    204.225 
TYR 'L-peptide linking' y TYROSINE            ? 'C9 H11 N O3'      181.189 
VAL 'L-peptide linking' y VALINE              ? 'C5 H11 N O2'      117.146 
# 
loop_
_pdbx_poly_seq_scheme.asym_id 
_pdbx_poly_seq_scheme.entity_id 
_pdbx_poly_seq_scheme.seq_id 
_pdbx_poly_seq_scheme.mon_id 
_pdbx_poly_seq_scheme.ndb_seq_num 
_pdbx_poly_seq_scheme.pdb_seq_num 
_pdbx_poly_seq_scheme.auth_seq_num 
_pdbx_poly_seq_scheme.pdb_mon_id 
_pdbx_poly_seq_scheme.auth_mon_id 
_pdbx_poly_seq_scheme.pdb_strand_id 
_pdbx_poly_seq_scheme.pdb_ins_code 
_pdbx_poly_seq_scheme.hetero 
A 1 1  PCA 1  1  1  PCA PCA A . n 
A 1 2  ASP 2  2  2  ASP ASP A . n 
A 1 3  GLY 3  3  3  GLY GLY A . n 
A 1 4  GLU 4  4  4  GLU GLU A . n 
A 1 5  ALA 5  5  5  ALA ALA A . n 
A 1 6  LEU 6  6  6  LEU LEU A . n 
A 1 7  PHE 7  7  7  PHE PHE A . n 
A 1 8  LYS 8  8  8  LYS LYS A . n 
A 1 9  SER 9  9  9  SER SER A . n 
A 1 10 LYS 10 10 10 LYS LYS A . n 
A 1 11 PRO 11 11 11 PRO PRO A . n 
A 1 12 CYS 12 12 12 CYS CYS A . n 
A 1 13 ALA 13 13 13 ALA ALA A . n 
A 1 14 ALA 14 14 14 ALA ALA A . n 
A 1 15 CYS 15 15 15 CYS CYS A . n 
A 1 16 HIS 16 16 16 HIS HIS A . n 
A 1 17 SER 17 17 17 SER SER A . n 
A 1 18 ILE 18 18 18 ILE ILE A . n 
A 1 19 ASP 19 19 19 ASP ASP A . n 
A 1 20 ALA 20 20 20 ALA ALA A . n 
A 1 21 LYS 21 21 21 LYS LYS A . n 
A 1 22 LEU 22 22 22 LEU LEU A . n 
A 1 23 VAL 23 23 23 VAL VAL A . n 
A 1 24 GLY 24 24 24 GLY GLY A . n 
A 1 25 PRO 25 25 25 PRO PRO A . n 
A 1 26 ALA 26 26 26 ALA ALA A . n 
A 1 27 PHE 27 27 27 PHE PHE A . n 
A 1 28 LYS 28 28 28 LYS LYS A . n 
A 1 29 GLU 29 29 29 GLU GLU A . n 
A 1 30 VAL 30 30 30 VAL VAL A . n 
A 1 31 ALA 31 31 31 ALA ALA A . n 
A 1 32 ALA 32 32 32 ALA ALA A . n 
A 1 33 LYS 33 33 33 LYS LYS A . n 
A 1 34 TYR 34 34 34 TYR TYR A . n 
A 1 35 ALA 35 35 35 ALA ALA A . n 
A 1 36 GLY 36 36 36 GLY GLY A . n 
A 1 37 GLN 37 37 37 GLN GLN A . n 
A 1 38 ASP 38 38 38 ASP ASP A . n 
A 1 39 GLY 39 39 39 GLY GLY A . n 
A 1 40 ALA 40 40 40 ALA ALA A . n 
A 1 41 ALA 41 41 41 ALA ALA A . n 
A 1 42 ASP 42 42 42 ASP ASP A . n 
A 1 43 LEU 43 43 43 LEU LEU A . n 
A 1 44 LEU 44 44 44 LEU LEU A . n 
A 1 45 ALA 45 45 45 ALA ALA A . n 
A 1 46 GLY 46 46 46 GLY GLY A . n 
A 1 47 HIS 47 47 47 HIS HIS A . n 
A 1 48 ILE 48 48 48 ILE ILE A . n 
A 1 49 LYS 49 49 49 LYS LYS A . n 
A 1 50 ASN 50 50 50 ASN ASN A . n 
A 1 51 GLY 51 51 51 GLY GLY A . n 
A 1 52 SER 52 52 52 SER SER A . n 
A 1 53 GLN 53 53 53 GLN GLN A . n 
A 1 54 GLY 54 54 54 GLY GLY A . n 
A 1 55 VAL 55 55 55 VAL VAL A . n 
A 1 56 TRP 56 56 56 TRP TRP A . n 
A 1 57 GLY 57 57 57 GLY GLY A . n 
A 1 58 PRO 58 58 58 PRO PRO A . n 
A 1 59 ILE 59 59 59 ILE ILE A . n 
A 1 60 PRO 60 60 60 PRO PRO A . n 
A 1 61 MET 61 61 61 MET MET A . n 
A 1 62 PRO 62 62 62 PRO PRO A . n 
A 1 63 PRO 63 63 63 PRO PRO A . n 
A 1 64 ASN 64 64 64 ASN ASN A . n 
A 1 65 PRO 65 65 65 PRO PRO A . n 
A 1 66 VAL 66 66 66 VAL VAL A . n 
A 1 67 THR 67 67 67 THR THR A . n 
A 1 68 GLU 68 68 68 GLU GLU A . n 
A 1 69 GLU 69 69 69 GLU GLU A . n 
A 1 70 GLU 70 70 70 GLU GLU A . n 
A 1 71 ALA 71 71 71 ALA ALA A . n 
A 1 72 LYS 72 72 72 LYS LYS A . n 
A 1 73 ILE 73 73 73 ILE ILE A . n 
A 1 74 LEU 74 74 74 LEU LEU A . n 
A 1 75 ALA 75 75 75 ALA ALA A . n 
A 1 76 GLU 76 76 76 GLU GLU A . n 
A 1 77 TRP 77 77 77 TRP TRP A . n 
A 1 78 ILE 78 78 78 ILE ILE A . n 
A 1 79 LEU 79 79 79 LEU LEU A . n 
A 1 80 SER 80 80 80 SER SER A . n 
A 1 81 GLN 81 81 81 GLN GLN A . n 
A 1 82 LYS 82 82 82 LYS LYS A . n 
# 
_pdbx_nonpoly_scheme.asym_id         B 
_pdbx_nonpoly_scheme.entity_id       2 
_pdbx_nonpoly_scheme.mon_id          HEC 
_pdbx_nonpoly_scheme.ndb_seq_num     1 
_pdbx_nonpoly_scheme.pdb_seq_num     83 
_pdbx_nonpoly_scheme.auth_seq_num    1 
_pdbx_nonpoly_scheme.pdb_mon_id      HEC 
_pdbx_nonpoly_scheme.auth_mon_id     HEM 
_pdbx_nonpoly_scheme.pdb_strand_id   A 
_pdbx_nonpoly_scheme.pdb_ins_code    . 
# 
_cell.entry_id           1COR 
_cell.length_a           1.000 
_cell.length_b           1.000 
_cell.length_c           1.000 
_cell.angle_alpha        90.00 
_cell.angle_beta         90.00 
_cell.angle_gamma        90.00 
_cell.Z_PDB              1 
_cell.pdbx_unique_axis   ? 
# 
_symmetry.entry_id                         1COR 
_symmetry.space_group_name_H-M             'P 1' 
_symmetry.pdbx_full_space_group_name_H-M   ? 
_symmetry.cell_setting                     ? 
_symmetry.Int_Tables_number                1 
# 
_exptl.entry_id          1COR 
_exptl.method            'SOLUTION NMR' 
_exptl.crystals_number   ? 
# 
_struct.entry_id                  1COR 
_struct.title                     'INVESTIGATION OF THE SOLUTION CONFORMATION OF CYTOCHROME C-551 FROM PSEUDOMONAS STUTZERI' 
_struct.pdbx_model_details        ? 
_struct.pdbx_CASP_flag            ? 
_struct.pdbx_model_type_details   ? 
# 
_struct_keywords.entry_id        1COR 
_struct_keywords.pdbx_keywords   'ELECTRON TRANSPORT' 
_struct_keywords.text            'ELECTRON TRANSPORT' 
# 
loop_
_struct_asym.id 
_struct_asym.pdbx_blank_PDB_chainid_flag 
_struct_asym.pdbx_modified 
_struct_asym.entity_id 
_struct_asym.details 
A Y N 1 ? 
B N N 2 ? 
# 
_struct_ref.id                         1 
_struct_ref.db_name                    UNP 
_struct_ref.db_code                    CY551_PSEST 
_struct_ref.entity_id                  1 
_struct_ref.pdbx_db_accession          P00101 
_struct_ref.pdbx_align_begin           1 
_struct_ref.pdbx_seq_one_letter_code   
;QDGEALFKSKPCAACHSIDAKLVGPAFKEVAAKYAGQDGAADLLAGHIKNGSQGVWGPIPMPPNPVTEEEAKILAEWILS
QK
;
_struct_ref.pdbx_db_isoform            ? 
# 
_struct_ref_seq.align_id                      1 
_struct_ref_seq.ref_id                        1 
_struct_ref_seq.pdbx_PDB_id_code              1COR 
_struct_ref_seq.pdbx_strand_id                A 
_struct_ref_seq.seq_align_beg                 2 
_struct_ref_seq.pdbx_seq_align_beg_ins_code   ? 
_struct_ref_seq.seq_align_end                 82 
_struct_ref_seq.pdbx_seq_align_end_ins_code   ? 
_struct_ref_seq.pdbx_db_accession             P00101 
_struct_ref_seq.db_align_beg                  2 
_struct_ref_seq.pdbx_db_align_beg_ins_code    ? 
_struct_ref_seq.db_align_end                  82 
_struct_ref_seq.pdbx_db_align_end_ins_code    ? 
_struct_ref_seq.pdbx_auth_seq_align_beg       2 
_struct_ref_seq.pdbx_auth_seq_align_end       82 
# 
_pdbx_struct_assembly.id                   1 
_pdbx_struct_assembly.details              author_and_software_defined_assembly 
_pdbx_struct_assembly.method_details       PISA 
_pdbx_struct_assembly.oligomeric_details   monomeric 
_pdbx_struct_assembly.oligomeric_count     1 
# 
_pdbx_struct_assembly_gen.assembly_id       1 
_pdbx_struct_assembly_gen.oper_expression   1 
_pdbx_struct_assembly_gen.asym_id_list      A,B 
# 
_pdbx_struct_oper_list.id                   1 
_pdbx_struct_oper_list.type                 'identity operation' 
_pdbx_struct_oper_list.name                 1_555 
_pdbx_struct_oper_list.symmetry_operation   ? 
_pdbx_struct_oper_list.matrix[1][1]         1.0000000000 
_pdbx_struct_oper_list.matrix[1][2]         0.0000000000 
_pdbx_struct_oper_list.matrix[1][3]         0.0000000000 
_pdbx_struct_oper_list.vector[1]            0.0000000000 
_pdbx_struct_oper_list.matrix[2][1]         0.0000000000 
_pdbx_struct_oper_list.matrix[2][2]         1.0000000000 
_pdbx_struct_oper_list.matrix[2][3]         0.0000000000 
_pdbx_struct_oper_list.vector[2]            0.0000000000 
_pdbx_struct_oper_list.matrix[3][1]         0.0000000000 
_pdbx_struct_oper_list.matrix[3][2]         0.0000000000 
_pdbx_struct_oper_list.matrix[3][3]         1.0000000000 
_pdbx_struct_oper_list.vector[3]            0.0000000000 
# 
loop_
_struct_conf.conf_type_id 
_struct_conf.id 
_struct_conf.pdbx_PDB_helix_id 
_struct_conf.beg_label_comp_id 
_struct_conf.beg_label_asym_id 
_struct_conf.beg_label_seq_id 
_struct_conf.pdbx_beg_PDB_ins_code 
_struct_conf.end_label_comp_id 
_struct_conf.end_label_asym_id 
_struct_conf.end_label_seq_id 
_struct_conf.pdbx_end_PDB_ins_code 
_struct_conf.beg_auth_comp_id 
_struct_conf.beg_auth_asym_id 
_struct_conf.beg_auth_seq_id 
_struct_conf.end_auth_comp_id 
_struct_conf.end_auth_asym_id 
_struct_conf.end_auth_seq_id 
_struct_conf.pdbx_PDB_helix_class 
_struct_conf.details 
_struct_conf.pdbx_PDB_helix_length 
HELX_P HELX_P1 A1 GLY A 3  ? SER A 9  ? GLY A 3  SER A 9  1  ?                            7  
HELX_P HELX_P2 P1 GLY A 24 ? ALA A 26 ? GLY A 24 ALA A 26 10 'A VERY SHORT PROLINE HELIX' 3  
HELX_P HELX_P3 A2 PHE A 27 ? LYS A 33 ? PHE A 27 LYS A 33 1  ?                            7  
HELX_P HELX_P4 A3 ALA A 40 ? LYS A 49 ? ALA A 40 LYS A 49 1  ?                            10 
HELX_P HELX_P5 P2 ILE A 59 ? PRO A 63 ? ILE A 59 PRO A 63 10 ?                            5  
HELX_P HELX_P6 A4 GLU A 69 ? LEU A 79 ? GLU A 69 LEU A 79 1  ?                            11 
# 
_struct_conf_type.id          HELX_P 
_struct_conf_type.criteria    ? 
_struct_conf_type.reference   ? 
# 
loop_
_struct_conn.id 
_struct_conn.conn_type_id 
_struct_conn.pdbx_leaving_atom_flag 
_struct_conn.pdbx_PDB_id 
_struct_conn.ptnr1_label_asym_id 
_struct_conn.ptnr1_label_comp_id 
_struct_conn.ptnr1_label_seq_id 
_struct_conn.ptnr1_label_atom_id 
_struct_conn.pdbx_ptnr1_label_alt_id 
_struct_conn.pdbx_ptnr1_PDB_ins_code 
_struct_conn.pdbx_ptnr1_standard_comp_id 
_struct_conn.ptnr1_symmetry 
_struct_conn.ptnr2_label_asym_id 
_struct_conn.ptnr2_label_comp_id 
_struct_conn.ptnr2_label_seq_id 
_struct_conn.ptnr2_label_atom_id 
_struct_conn.pdbx_ptnr2_label_alt_id 
_struct_conn.pdbx_ptnr2_PDB_ins_code 
_struct_conn.ptnr1_auth_asym_id 
_struct_conn.ptnr1_auth_comp_id 
_struct_conn.ptnr1_auth_seq_id 
_struct_conn.ptnr2_auth_asym_id 
_struct_conn.ptnr2_auth_comp_id 
_struct_conn.ptnr2_auth_seq_id 
_struct_conn.ptnr2_symmetry 
_struct_conn.pdbx_ptnr3_label_atom_id 
_struct_conn.pdbx_ptnr3_label_seq_id 
_struct_conn.pdbx_ptnr3_label_comp_id 
_struct_conn.pdbx_ptnr3_label_asym_id 
_struct_conn.pdbx_ptnr3_label_alt_id 
_struct_conn.pdbx_ptnr3_PDB_ins_code 
_struct_conn.details 
_struct_conn.pdbx_dist_value 
_struct_conn.pdbx_value_order 
_struct_conn.pdbx_role 
covale1 covale both ? A PCA 1  C   ? ? ? 1_555 A ASP 2 N   ? ? A PCA 1  A ASP 2  1_555 ? ? ? ? ? ? ? 1.305 ? ? 
covale2 covale none ? A CYS 12 SG  ? ? ? 1_555 B HEC . CAB ? ? A CYS 12 A HEC 83 1_555 ? ? ? ? ? ? ? 1.808 ? ? 
covale3 covale none ? A CYS 15 SG  ? ? ? 1_555 B HEC . CAC ? ? A CYS 15 A HEC 83 1_555 ? ? ? ? ? ? ? 1.812 ? ? 
metalc1 metalc ?    ? A HIS 16 NE2 ? ? ? 1_555 B HEC . FE  ? ? A HIS 16 A HEC 83 1_555 ? ? ? ? ? ? ? 1.946 ? ? 
metalc2 metalc ?    ? A MET 61 SD  ? ? ? 1_555 B HEC . FE  ? ? A MET 61 A HEC 83 1_555 ? ? ? ? ? ? ? 2.375 ? ? 
# 
loop_
_struct_conn_type.id 
_struct_conn_type.criteria 
_struct_conn_type.reference 
covale ? ? 
metalc ? ? 
# 
loop_
_pdbx_struct_conn_angle.id 
_pdbx_struct_conn_angle.ptnr1_label_atom_id 
_pdbx_struct_conn_angle.ptnr1_label_alt_id 
_pdbx_struct_conn_angle.ptnr1_label_asym_id 
_pdbx_struct_conn_angle.ptnr1_label_comp_id 
_pdbx_struct_conn_angle.ptnr1_label_seq_id 
_pdbx_struct_conn_angle.ptnr1_auth_atom_id 
_pdbx_struct_conn_angle.ptnr1_auth_asym_id 
_pdbx_struct_conn_angle.ptnr1_auth_comp_id 
_pdbx_struct_conn_angle.ptnr1_auth_seq_id 
_pdbx_struct_conn_angle.ptnr1_PDB_ins_code 
_pdbx_struct_conn_angle.ptnr1_symmetry 
_pdbx_struct_conn_angle.ptnr2_label_atom_id 
_pdbx_struct_conn_angle.ptnr2_label_alt_id 
_pdbx_struct_conn_angle.ptnr2_label_asym_id 
_pdbx_struct_conn_angle.ptnr2_label_comp_id 
_pdbx_struct_conn_angle.ptnr2_label_seq_id 
_pdbx_struct_conn_angle.ptnr2_auth_atom_id 
_pdbx_struct_conn_angle.ptnr2_auth_asym_id 
_pdbx_struct_conn_angle.ptnr2_auth_comp_id 
_pdbx_struct_conn_angle.ptnr2_auth_seq_id 
_pdbx_struct_conn_angle.ptnr2_PDB_ins_code 
_pdbx_struct_conn_angle.ptnr2_symmetry 
_pdbx_struct_conn_angle.ptnr3_label_atom_id 
_pdbx_struct_conn_angle.ptnr3_label_alt_id 
_pdbx_struct_conn_angle.ptnr3_label_asym_id 
_pdbx_struct_conn_angle.ptnr3_label_comp_id 
_pdbx_struct_conn_angle.ptnr3_label_seq_id 
_pdbx_struct_conn_angle.ptnr3_auth_atom_id 
_pdbx_struct_conn_angle.ptnr3_auth_asym_id 
_pdbx_struct_conn_angle.ptnr3_auth_comp_id 
_pdbx_struct_conn_angle.ptnr3_auth_seq_id 
_pdbx_struct_conn_angle.ptnr3_PDB_ins_code 
_pdbx_struct_conn_angle.ptnr3_symmetry 
_pdbx_struct_conn_angle.value 
_pdbx_struct_conn_angle.value_esd 
1  NE2 ? A HIS 16 ? A HIS 16 ? 1_555 FE ? B HEC . ? A HEC 83 ? 1_555 NA ? B HEC .  ? A HEC 83 ? 1_555 89.6  ? 
2  NE2 ? A HIS 16 ? A HIS 16 ? 1_555 FE ? B HEC . ? A HEC 83 ? 1_555 NB ? B HEC .  ? A HEC 83 ? 1_555 90.7  ? 
3  NA  ? B HEC .  ? A HEC 83 ? 1_555 FE ? B HEC . ? A HEC 83 ? 1_555 NB ? B HEC .  ? A HEC 83 ? 1_555 90.0  ? 
4  NE2 ? A HIS 16 ? A HIS 16 ? 1_555 FE ? B HEC . ? A HEC 83 ? 1_555 NC ? B HEC .  ? A HEC 83 ? 1_555 89.9  ? 
5  NA  ? B HEC .  ? A HEC 83 ? 1_555 FE ? B HEC . ? A HEC 83 ? 1_555 NC ? B HEC .  ? A HEC 83 ? 1_555 179.5 ? 
6  NB  ? B HEC .  ? A HEC 83 ? 1_555 FE ? B HEC . ? A HEC 83 ? 1_555 NC ? B HEC .  ? A HEC 83 ? 1_555 89.9  ? 
7  NE2 ? A HIS 16 ? A HIS 16 ? 1_555 FE ? B HEC . ? A HEC 83 ? 1_555 ND ? B HEC .  ? A HEC 83 ? 1_555 88.7  ? 
8  NA  ? B HEC .  ? A HEC 83 ? 1_555 FE ? B HEC . ? A HEC 83 ? 1_555 ND ? B HEC .  ? A HEC 83 ? 1_555 90.1  ? 
9  NB  ? B HEC .  ? A HEC 83 ? 1_555 FE ? B HEC . ? A HEC 83 ? 1_555 ND ? B HEC .  ? A HEC 83 ? 1_555 179.4 ? 
10 NC  ? B HEC .  ? A HEC 83 ? 1_555 FE ? B HEC . ? A HEC 83 ? 1_555 ND ? B HEC .  ? A HEC 83 ? 1_555 90.0  ? 
11 NE2 ? A HIS 16 ? A HIS 16 ? 1_555 FE ? B HEC . ? A HEC 83 ? 1_555 SD ? A MET 61 ? A MET 61 ? 1_555 179.0 ? 
12 NA  ? B HEC .  ? A HEC 83 ? 1_555 FE ? B HEC . ? A HEC 83 ? 1_555 SD ? A MET 61 ? A MET 61 ? 1_555 90.2  ? 
13 NB  ? B HEC .  ? A HEC 83 ? 1_555 FE ? B HEC . ? A HEC 83 ? 1_555 SD ? A MET 61 ? A MET 61 ? 1_555 90.3  ? 
14 NC  ? B HEC .  ? A HEC 83 ? 1_555 FE ? B HEC . ? A HEC 83 ? 1_555 SD ? A MET 61 ? A MET 61 ? 1_555 90.4  ? 
15 ND  ? B HEC .  ? A HEC 83 ? 1_555 FE ? B HEC . ? A HEC 83 ? 1_555 SD ? A MET 61 ? A MET 61 ? 1_555 90.3  ? 
# 
loop_
_pdbx_modification_feature.ordinal 
_pdbx_modification_feature.label_comp_id 
_pdbx_modification_feature.label_asym_id 
_pdbx_modification_feature.label_seq_id 
_pdbx_modification_feature.label_alt_id 
_pdbx_modification_feature.modified_residue_label_comp_id 
_pdbx_modification_feature.modified_residue_label_asym_id 
_pdbx_modification_feature.modified_residue_label_seq_id 
_pdbx_modification_feature.modified_residue_label_alt_id 
_pdbx_modification_feature.auth_comp_id 
_pdbx_modification_feature.auth_asym_id 
_pdbx_modification_feature.auth_seq_id 
_pdbx_modification_feature.PDB_ins_code 
_pdbx_modification_feature.symmetry 
_pdbx_modification_feature.modified_residue_auth_comp_id 
_pdbx_modification_feature.modified_residue_auth_asym_id 
_pdbx_modification_feature.modified_residue_auth_seq_id 
_pdbx_modification_feature.modified_residue_PDB_ins_code 
_pdbx_modification_feature.modified_residue_symmetry 
_pdbx_modification_feature.comp_id_linking_atom 
_pdbx_modification_feature.modified_residue_id_linking_atom 
_pdbx_modification_feature.modified_residue_id 
_pdbx_modification_feature.ref_pcm_id 
_pdbx_modification_feature.ref_comp_id 
_pdbx_modification_feature.type 
_pdbx_modification_feature.category 
1 PCA A 1 ? .   . .  . PCA A 1  ? 1_555 .   . .  . .     .   .  GLN 1 PCA 'Pyrrolidone carboxylic acid' 
'Named protein modification' 
2 HEC B . ? CYS A 12 ? HEC A 83 ? 1_555 CYS A 12 ? 1_555 CAB SG CYS 2 HEC None                          Heme/heme-like 
3 HEC B . ? CYS A 15 ? HEC A 83 ? 1_555 CYS A 15 ? 1_555 CAC SG CYS 3 HEC None                          Heme/heme-like 
# 
_struct_site.id                   AC1 
_struct_site.pdbx_evidence_code   Software 
_struct_site.pdbx_auth_asym_id    ? 
_struct_site.pdbx_auth_comp_id    ? 
_struct_site.pdbx_auth_seq_id     ? 
_struct_site.pdbx_auth_ins_code   ? 
_struct_site.pdbx_num_residues    21 
_struct_site.details              'BINDING SITE FOR RESIDUE HEM A 83' 
# 
loop_
_struct_site_gen.id 
_struct_site_gen.site_id 
_struct_site_gen.pdbx_num_res 
_struct_site_gen.label_comp_id 
_struct_site_gen.label_asym_id 
_struct_site_gen.label_seq_id 
_struct_site_gen.pdbx_auth_ins_code 
_struct_site_gen.auth_comp_id 
_struct_site_gen.auth_asym_id 
_struct_site_gen.auth_seq_id 
_struct_site_gen.label_atom_id 
_struct_site_gen.label_alt_id 
_struct_site_gen.symmetry 
_struct_site_gen.details 
1  AC1 21 CYS A 12 ? CYS A 12 . ? 1_555 ? 
2  AC1 21 CYS A 15 ? CYS A 15 . ? 1_555 ? 
3  AC1 21 HIS A 16 ? HIS A 16 . ? 1_555 ? 
4  AC1 21 VAL A 23 ? VAL A 23 . ? 1_555 ? 
5  AC1 21 GLY A 24 ? GLY A 24 . ? 1_555 ? 
6  AC1 21 PRO A 25 ? PRO A 25 . ? 1_555 ? 
7  AC1 21 TYR A 34 ? TYR A 34 . ? 1_555 ? 
8  AC1 21 LEU A 44 ? LEU A 44 . ? 1_555 ? 
9  AC1 21 HIS A 47 ? HIS A 47 . ? 1_555 ? 
10 AC1 21 ILE A 48 ? ILE A 48 . ? 1_555 ? 
11 AC1 21 SER A 52 ? SER A 52 . ? 1_555 ? 
12 AC1 21 GLN A 53 ? GLN A 53 . ? 1_555 ? 
13 AC1 21 GLY A 54 ? GLY A 54 . ? 1_555 ? 
14 AC1 21 VAL A 55 ? VAL A 55 . ? 1_555 ? 
15 AC1 21 TRP A 56 ? TRP A 56 . ? 1_555 ? 
16 AC1 21 GLY A 57 ? GLY A 57 . ? 1_555 ? 
17 AC1 21 ILE A 59 ? ILE A 59 . ? 1_555 ? 
18 AC1 21 MET A 61 ? MET A 61 . ? 1_555 ? 
19 AC1 21 ASN A 64 ? ASN A 64 . ? 1_555 ? 
20 AC1 21 VAL A 66 ? VAL A 66 . ? 1_555 ? 
21 AC1 21 LEU A 74 ? LEU A 74 . ? 1_555 ? 
# 
_pdbx_entry_details.entry_id                   1COR 
_pdbx_entry_details.compound_details           ? 
_pdbx_entry_details.source_details             ? 
_pdbx_entry_details.nonpolymer_details         ? 
_pdbx_entry_details.sequence_details           ? 
_pdbx_entry_details.has_ligand_of_interest     ? 
_pdbx_entry_details.has_protein_modification   Y 
# 
loop_
_pdbx_validate_rmsd_angle.id 
_pdbx_validate_rmsd_angle.PDB_model_num 
_pdbx_validate_rmsd_angle.auth_atom_id_1 
_pdbx_validate_rmsd_angle.auth_asym_id_1 
_pdbx_validate_rmsd_angle.auth_comp_id_1 
_pdbx_validate_rmsd_angle.auth_seq_id_1 
_pdbx_validate_rmsd_angle.PDB_ins_code_1 
_pdbx_validate_rmsd_angle.label_alt_id_1 
_pdbx_validate_rmsd_angle.auth_atom_id_2 
_pdbx_validate_rmsd_angle.auth_asym_id_2 
_pdbx_validate_rmsd_angle.auth_comp_id_2 
_pdbx_validate_rmsd_angle.auth_seq_id_2 
_pdbx_validate_rmsd_angle.PDB_ins_code_2 
_pdbx_validate_rmsd_angle.label_alt_id_2 
_pdbx_validate_rmsd_angle.auth_atom_id_3 
_pdbx_validate_rmsd_angle.auth_asym_id_3 
_pdbx_validate_rmsd_angle.auth_comp_id_3 
_pdbx_validate_rmsd_angle.auth_seq_id_3 
_pdbx_validate_rmsd_angle.PDB_ins_code_3 
_pdbx_validate_rmsd_angle.label_alt_id_3 
_pdbx_validate_rmsd_angle.angle_value 
_pdbx_validate_rmsd_angle.angle_target_value 
_pdbx_validate_rmsd_angle.angle_deviation 
_pdbx_validate_rmsd_angle.angle_standard_deviation 
_pdbx_validate_rmsd_angle.linker_flag 
1 1 CG  A TRP 56 ? ? CD1 A TRP 56 ? ? NE1 A TRP 56 ? ? 103.44 110.10 -6.66 1.00 N 
2 1 CD1 A TRP 56 ? ? NE1 A TRP 56 ? ? CE2 A TRP 56 ? ? 115.11 109.00 6.11  0.90 N 
3 1 NE1 A TRP 56 ? ? CE2 A TRP 56 ? ? CZ2 A TRP 56 ? ? 138.92 130.40 8.52  1.10 N 
4 1 NE1 A TRP 56 ? ? CE2 A TRP 56 ? ? CD2 A TRP 56 ? ? 101.06 107.30 -6.24 1.00 N 
5 1 CG  A TRP 77 ? ? CD1 A TRP 77 ? ? NE1 A TRP 77 ? ? 103.61 110.10 -6.49 1.00 N 
6 1 CD1 A TRP 77 ? ? NE1 A TRP 77 ? ? CE2 A TRP 77 ? ? 115.06 109.00 6.06  0.90 N 
7 1 NE1 A TRP 77 ? ? CE2 A TRP 77 ? ? CZ2 A TRP 77 ? ? 139.06 130.40 8.66  1.10 N 
8 1 NE1 A TRP 77 ? ? CE2 A TRP 77 ? ? CD2 A TRP 77 ? ? 100.97 107.30 -6.33 1.00 N 
# 
loop_
_pdbx_validate_torsion.id 
_pdbx_validate_torsion.PDB_model_num 
_pdbx_validate_torsion.auth_comp_id 
_pdbx_validate_torsion.auth_asym_id 
_pdbx_validate_torsion.auth_seq_id 
_pdbx_validate_torsion.PDB_ins_code 
_pdbx_validate_torsion.label_alt_id 
_pdbx_validate_torsion.phi 
_pdbx_validate_torsion.psi 
1  1 ASP A 2  ? ? -50.00  -14.25  
2  1 PRO A 11 ? ? -55.32  4.56    
3  1 LEU A 22 ? ? -123.57 -94.10  
4  1 TYR A 34 ? ? -96.72  34.38   
5  1 GLN A 37 ? ? -90.21  58.58   
6  1 GLN A 53 ? ? -177.05 128.36  
7  1 TRP A 56 ? ? -143.60 -89.09  
8  1 PRO A 65 ? ? -64.50  7.83    
9  1 THR A 67 ? ? -143.07 -155.94 
10 1 GLU A 68 ? ? -66.77  -71.77  
# 
_pdbx_struct_mod_residue.id               1 
_pdbx_struct_mod_residue.label_asym_id    A 
_pdbx_struct_mod_residue.label_comp_id    PCA 
_pdbx_struct_mod_residue.label_seq_id     1 
_pdbx_struct_mod_residue.auth_asym_id     A 
_pdbx_struct_mod_residue.auth_comp_id     PCA 
_pdbx_struct_mod_residue.auth_seq_id      1 
_pdbx_struct_mod_residue.PDB_ins_code     ? 
_pdbx_struct_mod_residue.parent_comp_id   GLN 
_pdbx_struct_mod_residue.details          'PYROGLUTAMIC ACID' 
# 
_pdbx_nmr_ensemble.entry_id                             1COR 
_pdbx_nmr_ensemble.conformers_calculated_total_number   ? 
_pdbx_nmr_ensemble.conformers_submitted_total_number    1 
_pdbx_nmr_ensemble.conformer_selection_criteria         ? 
# 
loop_
_chem_comp_atom.comp_id 
_chem_comp_atom.atom_id 
_chem_comp_atom.type_symbol 
_chem_comp_atom.pdbx_aromatic_flag 
_chem_comp_atom.pdbx_stereo_config 
_chem_comp_atom.pdbx_ordinal 
ALA N    N  N N 1   
ALA CA   C  N S 2   
ALA C    C  N N 3   
ALA O    O  N N 4   
ALA CB   C  N N 5   
ALA OXT  O  N N 6   
ALA H    H  N N 7   
ALA H2   H  N N 8   
ALA HA   H  N N 9   
ALA HB1  H  N N 10  
ALA HB2  H  N N 11  
ALA HB3  H  N N 12  
ALA HXT  H  N N 13  
ASN N    N  N N 14  
ASN CA   C  N S 15  
ASN C    C  N N 16  
ASN O    O  N N 17  
ASN CB   C  N N 18  
ASN CG   C  N N 19  
ASN OD1  O  N N 20  
ASN ND2  N  N N 21  
ASN OXT  O  N N 22  
ASN H    H  N N 23  
ASN H2   H  N N 24  
ASN HA   H  N N 25  
ASN HB2  H  N N 26  
ASN HB3  H  N N 27  
ASN HD21 H  N N 28  
ASN HD22 H  N N 29  
ASN HXT  H  N N 30  
ASP N    N  N N 31  
ASP CA   C  N S 32  
ASP C    C  N N 33  
ASP O    O  N N 34  
ASP CB   C  N N 35  
ASP CG   C  N N 36  
ASP OD1  O  N N 37  
ASP OD2  O  N N 38  
ASP OXT  O  N N 39  
ASP H    H  N N 40  
ASP H2   H  N N 41  
ASP HA   H  N N 42  
ASP HB2  H  N N 43  
ASP HB3  H  N N 44  
ASP HD2  H  N N 45  
ASP HXT  H  N N 46  
CYS N    N  N N 47  
CYS CA   C  N R 48  
CYS C    C  N N 49  
CYS O    O  N N 50  
CYS CB   C  N N 51  
CYS SG   S  N N 52  
CYS OXT  O  N N 53  
CYS H    H  N N 54  
CYS H2   H  N N 55  
CYS HA   H  N N 56  
CYS HB2  H  N N 57  
CYS HB3  H  N N 58  
CYS HG   H  N N 59  
CYS HXT  H  N N 60  
GLN N    N  N N 61  
GLN CA   C  N S 62  
GLN C    C  N N 63  
GLN O    O  N N 64  
GLN CB   C  N N 65  
GLN CG   C  N N 66  
GLN CD   C  N N 67  
GLN OE1  O  N N 68  
GLN NE2  N  N N 69  
GLN OXT  O  N N 70  
GLN H    H  N N 71  
GLN H2   H  N N 72  
GLN HA   H  N N 73  
GLN HB2  H  N N 74  
GLN HB3  H  N N 75  
GLN HG2  H  N N 76  
GLN HG3  H  N N 77  
GLN HE21 H  N N 78  
GLN HE22 H  N N 79  
GLN HXT  H  N N 80  
GLU N    N  N N 81  
GLU CA   C  N S 82  
GLU C    C  N N 83  
GLU O    O  N N 84  
GLU CB   C  N N 85  
GLU CG   C  N N 86  
GLU CD   C  N N 87  
GLU OE1  O  N N 88  
GLU OE2  O  N N 89  
GLU OXT  O  N N 90  
GLU H    H  N N 91  
GLU H2   H  N N 92  
GLU HA   H  N N 93  
GLU HB2  H  N N 94  
GLU HB3  H  N N 95  
GLU HG2  H  N N 96  
GLU HG3  H  N N 97  
GLU HE2  H  N N 98  
GLU HXT  H  N N 99  
GLY N    N  N N 100 
GLY CA   C  N N 101 
GLY C    C  N N 102 
GLY O    O  N N 103 
GLY OXT  O  N N 104 
GLY H    H  N N 105 
GLY H2   H  N N 106 
GLY HA2  H  N N 107 
GLY HA3  H  N N 108 
GLY HXT  H  N N 109 
HEC FE   FE N N 110 
HEC CHA  C  N N 111 
HEC CHB  C  N N 112 
HEC CHC  C  N N 113 
HEC CHD  C  N N 114 
HEC NA   N  Y N 115 
HEC C1A  C  Y N 116 
HEC C2A  C  Y N 117 
HEC C3A  C  Y N 118 
HEC C4A  C  Y N 119 
HEC CMA  C  N N 120 
HEC CAA  C  N N 121 
HEC CBA  C  N N 122 
HEC CGA  C  N N 123 
HEC O1A  O  N N 124 
HEC O2A  O  N N 125 
HEC NB   N  Y N 126 
HEC C1B  C  Y N 127 
HEC C2B  C  Y N 128 
HEC C3B  C  Y N 129 
HEC C4B  C  Y N 130 
HEC CMB  C  N N 131 
HEC CAB  C  N N 132 
HEC CBB  C  N N 133 
HEC NC   N  Y N 134 
HEC C1C  C  Y N 135 
HEC C2C  C  Y N 136 
HEC C3C  C  Y N 137 
HEC C4C  C  Y N 138 
HEC CMC  C  N N 139 
HEC CAC  C  N N 140 
HEC CBC  C  N N 141 
HEC ND   N  Y N 142 
HEC C1D  C  Y N 143 
HEC C2D  C  Y N 144 
HEC C3D  C  Y N 145 
HEC C4D  C  Y N 146 
HEC CMD  C  N N 147 
HEC CAD  C  N N 148 
HEC CBD  C  N N 149 
HEC CGD  C  N N 150 
HEC O1D  O  N N 151 
HEC O2D  O  N N 152 
HEC HHA  H  N N 153 
HEC HHB  H  N N 154 
HEC HHC  H  N N 155 
HEC HHD  H  N N 156 
HEC HMA1 H  N N 157 
HEC HMA2 H  N N 158 
HEC HMA3 H  N N 159 
HEC HAA1 H  N N 160 
HEC HAA2 H  N N 161 
HEC HBA1 H  N N 162 
HEC HBA2 H  N N 163 
HEC H2A  H  N N 164 
HEC HMB1 H  N N 165 
HEC HMB2 H  N N 166 
HEC HMB3 H  N N 167 
HEC HAB  H  N N 168 
HEC HBB1 H  N N 169 
HEC HBB2 H  N N 170 
HEC HBB3 H  N N 171 
HEC HMC1 H  N N 172 
HEC HMC2 H  N N 173 
HEC HMC3 H  N N 174 
HEC HAC  H  N N 175 
HEC HBC1 H  N N 176 
HEC HBC2 H  N N 177 
HEC HBC3 H  N N 178 
HEC HMD1 H  N N 179 
HEC HMD2 H  N N 180 
HEC HMD3 H  N N 181 
HEC HAD1 H  N N 182 
HEC HAD2 H  N N 183 
HEC HBD1 H  N N 184 
HEC HBD2 H  N N 185 
HEC H2D  H  N N 186 
HIS N    N  N N 187 
HIS CA   C  N S 188 
HIS C    C  N N 189 
HIS O    O  N N 190 
HIS CB   C  N N 191 
HIS CG   C  Y N 192 
HIS ND1  N  Y N 193 
HIS CD2  C  Y N 194 
HIS CE1  C  Y N 195 
HIS NE2  N  Y N 196 
HIS OXT  O  N N 197 
HIS H    H  N N 198 
HIS H2   H  N N 199 
HIS HA   H  N N 200 
HIS HB2  H  N N 201 
HIS HB3  H  N N 202 
HIS HD1  H  N N 203 
HIS HD2  H  N N 204 
HIS HE1  H  N N 205 
HIS HE2  H  N N 206 
HIS HXT  H  N N 207 
ILE N    N  N N 208 
ILE CA   C  N S 209 
ILE C    C  N N 210 
ILE O    O  N N 211 
ILE CB   C  N S 212 
ILE CG1  C  N N 213 
ILE CG2  C  N N 214 
ILE CD1  C  N N 215 
ILE OXT  O  N N 216 
ILE H    H  N N 217 
ILE H2   H  N N 218 
ILE HA   H  N N 219 
ILE HB   H  N N 220 
ILE HG12 H  N N 221 
ILE HG13 H  N N 222 
ILE HG21 H  N N 223 
ILE HG22 H  N N 224 
ILE HG23 H  N N 225 
ILE HD11 H  N N 226 
ILE HD12 H  N N 227 
ILE HD13 H  N N 228 
ILE HXT  H  N N 229 
LEU N    N  N N 230 
LEU CA   C  N S 231 
LEU C    C  N N 232 
LEU O    O  N N 233 
LEU CB   C  N N 234 
LEU CG   C  N N 235 
LEU CD1  C  N N 236 
LEU CD2  C  N N 237 
LEU OXT  O  N N 238 
LEU H    H  N N 239 
LEU H2   H  N N 240 
LEU HA   H  N N 241 
LEU HB2  H  N N 242 
LEU HB3  H  N N 243 
LEU HG   H  N N 244 
LEU HD11 H  N N 245 
LEU HD12 H  N N 246 
LEU HD13 H  N N 247 
LEU HD21 H  N N 248 
LEU HD22 H  N N 249 
LEU HD23 H  N N 250 
LEU HXT  H  N N 251 
LYS N    N  N N 252 
LYS CA   C  N S 253 
LYS C    C  N N 254 
LYS O    O  N N 255 
LYS CB   C  N N 256 
LYS CG   C  N N 257 
LYS CD   C  N N 258 
LYS CE   C  N N 259 
LYS NZ   N  N N 260 
LYS OXT  O  N N 261 
LYS H    H  N N 262 
LYS H2   H  N N 263 
LYS HA   H  N N 264 
LYS HB2  H  N N 265 
LYS HB3  H  N N 266 
LYS HG2  H  N N 267 
LYS HG3  H  N N 268 
LYS HD2  H  N N 269 
LYS HD3  H  N N 270 
LYS HE2  H  N N 271 
LYS HE3  H  N N 272 
LYS HZ1  H  N N 273 
LYS HZ2  H  N N 274 
LYS HZ3  H  N N 275 
LYS HXT  H  N N 276 
MET N    N  N N 277 
MET CA   C  N S 278 
MET C    C  N N 279 
MET O    O  N N 280 
MET CB   C  N N 281 
MET CG   C  N N 282 
MET SD   S  N N 283 
MET CE   C  N N 284 
MET OXT  O  N N 285 
MET H    H  N N 286 
MET H2   H  N N 287 
MET HA   H  N N 288 
MET HB2  H  N N 289 
MET HB3  H  N N 290 
MET HG2  H  N N 291 
MET HG3  H  N N 292 
MET HE1  H  N N 293 
MET HE2  H  N N 294 
MET HE3  H  N N 295 
MET HXT  H  N N 296 
PCA N    N  N N 297 
PCA CA   C  N S 298 
PCA CB   C  N N 299 
PCA CG   C  N N 300 
PCA CD   C  N N 301 
PCA OE   O  N N 302 
PCA C    C  N N 303 
PCA O    O  N N 304 
PCA OXT  O  N N 305 
PCA H    H  N N 306 
PCA HA   H  N N 307 
PCA HB2  H  N N 308 
PCA HB3  H  N N 309 
PCA HG2  H  N N 310 
PCA HG3  H  N N 311 
PCA HXT  H  N N 312 
PHE N    N  N N 313 
PHE CA   C  N S 314 
PHE C    C  N N 315 
PHE O    O  N N 316 
PHE CB   C  N N 317 
PHE CG   C  Y N 318 
PHE CD1  C  Y N 319 
PHE CD2  C  Y N 320 
PHE CE1  C  Y N 321 
PHE CE2  C  Y N 322 
PHE CZ   C  Y N 323 
PHE OXT  O  N N 324 
PHE H    H  N N 325 
PHE H2   H  N N 326 
PHE HA   H  N N 327 
PHE HB2  H  N N 328 
PHE HB3  H  N N 329 
PHE HD1  H  N N 330 
PHE HD2  H  N N 331 
PHE HE1  H  N N 332 
PHE HE2  H  N N 333 
PHE HZ   H  N N 334 
PHE HXT  H  N N 335 
PRO N    N  N N 336 
PRO CA   C  N S 337 
PRO C    C  N N 338 
PRO O    O  N N 339 
PRO CB   C  N N 340 
PRO CG   C  N N 341 
PRO CD   C  N N 342 
PRO OXT  O  N N 343 
PRO H    H  N N 344 
PRO HA   H  N N 345 
PRO HB2  H  N N 346 
PRO HB3  H  N N 347 
PRO HG2  H  N N 348 
PRO HG3  H  N N 349 
PRO HD2  H  N N 350 
PRO HD3  H  N N 351 
PRO HXT  H  N N 352 
SER N    N  N N 353 
SER CA   C  N S 354 
SER C    C  N N 355 
SER O    O  N N 356 
SER CB   C  N N 357 
SER OG   O  N N 358 
SER OXT  O  N N 359 
SER H    H  N N 360 
SER H2   H  N N 361 
SER HA   H  N N 362 
SER HB2  H  N N 363 
SER HB3  H  N N 364 
SER HG   H  N N 365 
SER HXT  H  N N 366 
THR N    N  N N 367 
THR CA   C  N S 368 
THR C    C  N N 369 
THR O    O  N N 370 
THR CB   C  N R 371 
THR OG1  O  N N 372 
THR CG2  C  N N 373 
THR OXT  O  N N 374 
THR H    H  N N 375 
THR H2   H  N N 376 
THR HA   H  N N 377 
THR HB   H  N N 378 
THR HG1  H  N N 379 
THR HG21 H  N N 380 
THR HG22 H  N N 381 
THR HG23 H  N N 382 
THR HXT  H  N N 383 
TRP N    N  N N 384 
TRP CA   C  N S 385 
TRP C    C  N N 386 
TRP O    O  N N 387 
TRP CB   C  N N 388 
TRP CG   C  Y N 389 
TRP CD1  C  Y N 390 
TRP CD2  C  Y N 391 
TRP NE1  N  Y N 392 
TRP CE2  C  Y N 393 
TRP CE3  C  Y N 394 
TRP CZ2  C  Y N 395 
TRP CZ3  C  Y N 396 
TRP CH2  C  Y N 397 
TRP OXT  O  N N 398 
TRP H    H  N N 399 
TRP H2   H  N N 400 
TRP HA   H  N N 401 
TRP HB2  H  N N 402 
TRP HB3  H  N N 403 
TRP HD1  H  N N 404 
TRP HE1  H  N N 405 
TRP HE3  H  N N 406 
TRP HZ2  H  N N 407 
TRP HZ3  H  N N 408 
TRP HH2  H  N N 409 
TRP HXT  H  N N 410 
TYR N    N  N N 411 
TYR CA   C  N S 412 
TYR C    C  N N 413 
TYR O    O  N N 414 
TYR CB   C  N N 415 
TYR CG   C  Y N 416 
TYR CD1  C  Y N 417 
TYR CD2  C  Y N 418 
TYR CE1  C  Y N 419 
TYR CE2  C  Y N 420 
TYR CZ   C  Y N 421 
TYR OH   O  N N 422 
TYR OXT  O  N N 423 
TYR H    H  N N 424 
TYR H2   H  N N 425 
TYR HA   H  N N 426 
TYR HB2  H  N N 427 
TYR HB3  H  N N 428 
TYR HD1  H  N N 429 
TYR HD2  H  N N 430 
TYR HE1  H  N N 431 
TYR HE2  H  N N 432 
TYR HH   H  N N 433 
TYR HXT  H  N N 434 
VAL N    N  N N 435 
VAL CA   C  N S 436 
VAL C    C  N N 437 
VAL O    O  N N 438 
VAL CB   C  N N 439 
VAL CG1  C  N N 440 
VAL CG2  C  N N 441 
VAL OXT  O  N N 442 
VAL H    H  N N 443 
VAL H2   H  N N 444 
VAL HA   H  N N 445 
VAL HB   H  N N 446 
VAL HG11 H  N N 447 
VAL HG12 H  N N 448 
VAL HG13 H  N N 449 
VAL HG21 H  N N 450 
VAL HG22 H  N N 451 
VAL HG23 H  N N 452 
VAL HXT  H  N N 453 
# 
loop_
_chem_comp_bond.comp_id 
_chem_comp_bond.atom_id_1 
_chem_comp_bond.atom_id_2 
_chem_comp_bond.value_order 
_chem_comp_bond.pdbx_aromatic_flag 
_chem_comp_bond.pdbx_stereo_config 
_chem_comp_bond.pdbx_ordinal 
ALA N   CA   sing N N 1   
ALA N   H    sing N N 2   
ALA N   H2   sing N N 3   
ALA CA  C    sing N N 4   
ALA CA  CB   sing N N 5   
ALA CA  HA   sing N N 6   
ALA C   O    doub N N 7   
ALA C   OXT  sing N N 8   
ALA CB  HB1  sing N N 9   
ALA CB  HB2  sing N N 10  
ALA CB  HB3  sing N N 11  
ALA OXT HXT  sing N N 12  
ASN N   CA   sing N N 13  
ASN N   H    sing N N 14  
ASN N   H2   sing N N 15  
ASN CA  C    sing N N 16  
ASN CA  CB   sing N N 17  
ASN CA  HA   sing N N 18  
ASN C   O    doub N N 19  
ASN C   OXT  sing N N 20  
ASN CB  CG   sing N N 21  
ASN CB  HB2  sing N N 22  
ASN CB  HB3  sing N N 23  
ASN CG  OD1  doub N N 24  
ASN CG  ND2  sing N N 25  
ASN ND2 HD21 sing N N 26  
ASN ND2 HD22 sing N N 27  
ASN OXT HXT  sing N N 28  
ASP N   CA   sing N N 29  
ASP N   H    sing N N 30  
ASP N   H2   sing N N 31  
ASP CA  C    sing N N 32  
ASP CA  CB   sing N N 33  
ASP CA  HA   sing N N 34  
ASP C   O    doub N N 35  
ASP C   OXT  sing N N 36  
ASP CB  CG   sing N N 37  
ASP CB  HB2  sing N N 38  
ASP CB  HB3  sing N N 39  
ASP CG  OD1  doub N N 40  
ASP CG  OD2  sing N N 41  
ASP OD2 HD2  sing N N 42  
ASP OXT HXT  sing N N 43  
CYS N   CA   sing N N 44  
CYS N   H    sing N N 45  
CYS N   H2   sing N N 46  
CYS CA  C    sing N N 47  
CYS CA  CB   sing N N 48  
CYS CA  HA   sing N N 49  
CYS C   O    doub N N 50  
CYS C   OXT  sing N N 51  
CYS CB  SG   sing N N 52  
CYS CB  HB2  sing N N 53  
CYS CB  HB3  sing N N 54  
CYS SG  HG   sing N N 55  
CYS OXT HXT  sing N N 56  
GLN N   CA   sing N N 57  
GLN N   H    sing N N 58  
GLN N   H2   sing N N 59  
GLN CA  C    sing N N 60  
GLN CA  CB   sing N N 61  
GLN CA  HA   sing N N 62  
GLN C   O    doub N N 63  
GLN C   OXT  sing N N 64  
GLN CB  CG   sing N N 65  
GLN CB  HB2  sing N N 66  
GLN CB  HB3  sing N N 67  
GLN CG  CD   sing N N 68  
GLN CG  HG2  sing N N 69  
GLN CG  HG3  sing N N 70  
GLN CD  OE1  doub N N 71  
GLN CD  NE2  sing N N 72  
GLN NE2 HE21 sing N N 73  
GLN NE2 HE22 sing N N 74  
GLN OXT HXT  sing N N 75  
GLU N   CA   sing N N 76  
GLU N   H    sing N N 77  
GLU N   H2   sing N N 78  
GLU CA  C    sing N N 79  
GLU CA  CB   sing N N 80  
GLU CA  HA   sing N N 81  
GLU C   O    doub N N 82  
GLU C   OXT  sing N N 83  
GLU CB  CG   sing N N 84  
GLU CB  HB2  sing N N 85  
GLU CB  HB3  sing N N 86  
GLU CG  CD   sing N N 87  
GLU CG  HG2  sing N N 88  
GLU CG  HG3  sing N N 89  
GLU CD  OE1  doub N N 90  
GLU CD  OE2  sing N N 91  
GLU OE2 HE2  sing N N 92  
GLU OXT HXT  sing N N 93  
GLY N   CA   sing N N 94  
GLY N   H    sing N N 95  
GLY N   H2   sing N N 96  
GLY CA  C    sing N N 97  
GLY CA  HA2  sing N N 98  
GLY CA  HA3  sing N N 99  
GLY C   O    doub N N 100 
GLY C   OXT  sing N N 101 
GLY OXT HXT  sing N N 102 
HEC FE  NA   sing N N 103 
HEC FE  NB   sing N N 104 
HEC FE  NC   sing N N 105 
HEC FE  ND   sing N N 106 
HEC CHA C1A  doub N N 107 
HEC CHA C4D  sing N N 108 
HEC CHA HHA  sing N N 109 
HEC CHB C4A  doub N N 110 
HEC CHB C1B  sing N N 111 
HEC CHB HHB  sing N N 112 
HEC CHC C4B  doub N N 113 
HEC CHC C1C  sing N N 114 
HEC CHC HHC  sing N N 115 
HEC CHD C4C  doub N N 116 
HEC CHD C1D  sing N N 117 
HEC CHD HHD  sing N N 118 
HEC NA  C1A  sing Y N 119 
HEC NA  C4A  sing Y N 120 
HEC C1A C2A  sing Y N 121 
HEC C2A C3A  doub Y N 122 
HEC C2A CAA  sing N N 123 
HEC C3A C4A  sing Y N 124 
HEC C3A CMA  sing N N 125 
HEC CMA HMA1 sing N N 126 
HEC CMA HMA2 sing N N 127 
HEC CMA HMA3 sing N N 128 
HEC CAA CBA  sing N N 129 
HEC CAA HAA1 sing N N 130 
HEC CAA HAA2 sing N N 131 
HEC CBA CGA  sing N N 132 
HEC CBA HBA1 sing N N 133 
HEC CBA HBA2 sing N N 134 
HEC CGA O1A  doub N N 135 
HEC CGA O2A  sing N N 136 
HEC O2A H2A  sing N N 137 
HEC NB  C1B  sing Y N 138 
HEC NB  C4B  sing Y N 139 
HEC C1B C2B  doub Y N 140 
HEC C2B C3B  sing Y N 141 
HEC C2B CMB  sing N N 142 
HEC C3B C4B  sing Y N 143 
HEC C3B CAB  doub N E 144 
HEC CMB HMB1 sing N N 145 
HEC CMB HMB2 sing N N 146 
HEC CMB HMB3 sing N N 147 
HEC CAB CBB  sing N N 148 
HEC CAB HAB  sing N N 149 
HEC CBB HBB1 sing N N 150 
HEC CBB HBB2 sing N N 151 
HEC CBB HBB3 sing N N 152 
HEC NC  C1C  sing Y N 153 
HEC NC  C4C  sing Y N 154 
HEC C1C C2C  doub Y N 155 
HEC C2C C3C  sing Y N 156 
HEC C2C CMC  sing N N 157 
HEC C3C C4C  sing Y N 158 
HEC C3C CAC  doub N E 159 
HEC CMC HMC1 sing N N 160 
HEC CMC HMC2 sing N N 161 
HEC CMC HMC3 sing N N 162 
HEC CAC CBC  sing N N 163 
HEC CAC HAC  sing N N 164 
HEC CBC HBC1 sing N N 165 
HEC CBC HBC2 sing N N 166 
HEC CBC HBC3 sing N N 167 
HEC ND  C1D  sing Y N 168 
HEC ND  C4D  sing Y N 169 
HEC C1D C2D  doub Y N 170 
HEC C2D C3D  sing Y N 171 
HEC C2D CMD  sing N N 172 
HEC C3D C4D  doub Y N 173 
HEC C3D CAD  sing N N 174 
HEC CMD HMD1 sing N N 175 
HEC CMD HMD2 sing N N 176 
HEC CMD HMD3 sing N N 177 
HEC CAD CBD  sing N N 178 
HEC CAD HAD1 sing N N 179 
HEC CAD HAD2 sing N N 180 
HEC CBD CGD  sing N N 181 
HEC CBD HBD1 sing N N 182 
HEC CBD HBD2 sing N N 183 
HEC CGD O1D  doub N N 184 
HEC CGD O2D  sing N N 185 
HEC O2D H2D  sing N N 186 
HIS N   CA   sing N N 187 
HIS N   H    sing N N 188 
HIS N   H2   sing N N 189 
HIS CA  C    sing N N 190 
HIS CA  CB   sing N N 191 
HIS CA  HA   sing N N 192 
HIS C   O    doub N N 193 
HIS C   OXT  sing N N 194 
HIS CB  CG   sing N N 195 
HIS CB  HB2  sing N N 196 
HIS CB  HB3  sing N N 197 
HIS CG  ND1  sing Y N 198 
HIS CG  CD2  doub Y N 199 
HIS ND1 CE1  doub Y N 200 
HIS ND1 HD1  sing N N 201 
HIS CD2 NE2  sing Y N 202 
HIS CD2 HD2  sing N N 203 
HIS CE1 NE2  sing Y N 204 
HIS CE1 HE1  sing N N 205 
HIS NE2 HE2  sing N N 206 
HIS OXT HXT  sing N N 207 
ILE N   CA   sing N N 208 
ILE N   H    sing N N 209 
ILE N   H2   sing N N 210 
ILE CA  C    sing N N 211 
ILE CA  CB   sing N N 212 
ILE CA  HA   sing N N 213 
ILE C   O    doub N N 214 
ILE C   OXT  sing N N 215 
ILE CB  CG1  sing N N 216 
ILE CB  CG2  sing N N 217 
ILE CB  HB   sing N N 218 
ILE CG1 CD1  sing N N 219 
ILE CG1 HG12 sing N N 220 
ILE CG1 HG13 sing N N 221 
ILE CG2 HG21 sing N N 222 
ILE CG2 HG22 sing N N 223 
ILE CG2 HG23 sing N N 224 
ILE CD1 HD11 sing N N 225 
ILE CD1 HD12 sing N N 226 
ILE CD1 HD13 sing N N 227 
ILE OXT HXT  sing N N 228 
LEU N   CA   sing N N 229 
LEU N   H    sing N N 230 
LEU N   H2   sing N N 231 
LEU CA  C    sing N N 232 
LEU CA  CB   sing N N 233 
LEU CA  HA   sing N N 234 
LEU C   O    doub N N 235 
LEU C   OXT  sing N N 236 
LEU CB  CG   sing N N 237 
LEU CB  HB2  sing N N 238 
LEU CB  HB3  sing N N 239 
LEU CG  CD1  sing N N 240 
LEU CG  CD2  sing N N 241 
LEU CG  HG   sing N N 242 
LEU CD1 HD11 sing N N 243 
LEU CD1 HD12 sing N N 244 
LEU CD1 HD13 sing N N 245 
LEU CD2 HD21 sing N N 246 
LEU CD2 HD22 sing N N 247 
LEU CD2 HD23 sing N N 248 
LEU OXT HXT  sing N N 249 
LYS N   CA   sing N N 250 
LYS N   H    sing N N 251 
LYS N   H2   sing N N 252 
LYS CA  C    sing N N 253 
LYS CA  CB   sing N N 254 
LYS CA  HA   sing N N 255 
LYS C   O    doub N N 256 
LYS C   OXT  sing N N 257 
LYS CB  CG   sing N N 258 
LYS CB  HB2  sing N N 259 
LYS CB  HB3  sing N N 260 
LYS CG  CD   sing N N 261 
LYS CG  HG2  sing N N 262 
LYS CG  HG3  sing N N 263 
LYS CD  CE   sing N N 264 
LYS CD  HD2  sing N N 265 
LYS CD  HD3  sing N N 266 
LYS CE  NZ   sing N N 267 
LYS CE  HE2  sing N N 268 
LYS CE  HE3  sing N N 269 
LYS NZ  HZ1  sing N N 270 
LYS NZ  HZ2  sing N N 271 
LYS NZ  HZ3  sing N N 272 
LYS OXT HXT  sing N N 273 
MET N   CA   sing N N 274 
MET N   H    sing N N 275 
MET N   H2   sing N N 276 
MET CA  C    sing N N 277 
MET CA  CB   sing N N 278 
MET CA  HA   sing N N 279 
MET C   O    doub N N 280 
MET C   OXT  sing N N 281 
MET CB  CG   sing N N 282 
MET CB  HB2  sing N N 283 
MET CB  HB3  sing N N 284 
MET CG  SD   sing N N 285 
MET CG  HG2  sing N N 286 
MET CG  HG3  sing N N 287 
MET SD  CE   sing N N 288 
MET CE  HE1  sing N N 289 
MET CE  HE2  sing N N 290 
MET CE  HE3  sing N N 291 
MET OXT HXT  sing N N 292 
PCA N   CA   sing N N 293 
PCA N   CD   sing N N 294 
PCA N   H    sing N N 295 
PCA CA  CB   sing N N 296 
PCA CA  C    sing N N 297 
PCA CA  HA   sing N N 298 
PCA CB  CG   sing N N 299 
PCA CB  HB2  sing N N 300 
PCA CB  HB3  sing N N 301 
PCA CG  CD   sing N N 302 
PCA CG  HG2  sing N N 303 
PCA CG  HG3  sing N N 304 
PCA CD  OE   doub N N 305 
PCA C   O    doub N N 306 
PCA C   OXT  sing N N 307 
PCA OXT HXT  sing N N 308 
PHE N   CA   sing N N 309 
PHE N   H    sing N N 310 
PHE N   H2   sing N N 311 
PHE CA  C    sing N N 312 
PHE CA  CB   sing N N 313 
PHE CA  HA   sing N N 314 
PHE C   O    doub N N 315 
PHE C   OXT  sing N N 316 
PHE CB  CG   sing N N 317 
PHE CB  HB2  sing N N 318 
PHE CB  HB3  sing N N 319 
PHE CG  CD1  doub Y N 320 
PHE CG  CD2  sing Y N 321 
PHE CD1 CE1  sing Y N 322 
PHE CD1 HD1  sing N N 323 
PHE CD2 CE2  doub Y N 324 
PHE CD2 HD2  sing N N 325 
PHE CE1 CZ   doub Y N 326 
PHE CE1 HE1  sing N N 327 
PHE CE2 CZ   sing Y N 328 
PHE CE2 HE2  sing N N 329 
PHE CZ  HZ   sing N N 330 
PHE OXT HXT  sing N N 331 
PRO N   CA   sing N N 332 
PRO N   CD   sing N N 333 
PRO N   H    sing N N 334 
PRO CA  C    sing N N 335 
PRO CA  CB   sing N N 336 
PRO CA  HA   sing N N 337 
PRO C   O    doub N N 338 
PRO C   OXT  sing N N 339 
PRO CB  CG   sing N N 340 
PRO CB  HB2  sing N N 341 
PRO CB  HB3  sing N N 342 
PRO CG  CD   sing N N 343 
PRO CG  HG2  sing N N 344 
PRO CG  HG3  sing N N 345 
PRO CD  HD2  sing N N 346 
PRO CD  HD3  sing N N 347 
PRO OXT HXT  sing N N 348 
SER N   CA   sing N N 349 
SER N   H    sing N N 350 
SER N   H2   sing N N 351 
SER CA  C    sing N N 352 
SER CA  CB   sing N N 353 
SER CA  HA   sing N N 354 
SER C   O    doub N N 355 
SER C   OXT  sing N N 356 
SER CB  OG   sing N N 357 
SER CB  HB2  sing N N 358 
SER CB  HB3  sing N N 359 
SER OG  HG   sing N N 360 
SER OXT HXT  sing N N 361 
THR N   CA   sing N N 362 
THR N   H    sing N N 363 
THR N   H2   sing N N 364 
THR CA  C    sing N N 365 
THR CA  CB   sing N N 366 
THR CA  HA   sing N N 367 
THR C   O    doub N N 368 
THR C   OXT  sing N N 369 
THR CB  OG1  sing N N 370 
THR CB  CG2  sing N N 371 
THR CB  HB   sing N N 372 
THR OG1 HG1  sing N N 373 
THR CG2 HG21 sing N N 374 
THR CG2 HG22 sing N N 375 
THR CG2 HG23 sing N N 376 
THR OXT HXT  sing N N 377 
TRP N   CA   sing N N 378 
TRP N   H    sing N N 379 
TRP N   H2   sing N N 380 
TRP CA  C    sing N N 381 
TRP CA  CB   sing N N 382 
TRP CA  HA   sing N N 383 
TRP C   O    doub N N 384 
TRP C   OXT  sing N N 385 
TRP CB  CG   sing N N 386 
TRP CB  HB2  sing N N 387 
TRP CB  HB3  sing N N 388 
TRP CG  CD1  doub Y N 389 
TRP CG  CD2  sing Y N 390 
TRP CD1 NE1  sing Y N 391 
TRP CD1 HD1  sing N N 392 
TRP CD2 CE2  doub Y N 393 
TRP CD2 CE3  sing Y N 394 
TRP NE1 CE2  sing Y N 395 
TRP NE1 HE1  sing N N 396 
TRP CE2 CZ2  sing Y N 397 
TRP CE3 CZ3  doub Y N 398 
TRP CE3 HE3  sing N N 399 
TRP CZ2 CH2  doub Y N 400 
TRP CZ2 HZ2  sing N N 401 
TRP CZ3 CH2  sing Y N 402 
TRP CZ3 HZ3  sing N N 403 
TRP CH2 HH2  sing N N 404 
TRP OXT HXT  sing N N 405 
TYR N   CA   sing N N 406 
TYR N   H    sing N N 407 
TYR N   H2   sing N N 408 
TYR CA  C    sing N N 409 
TYR CA  CB   sing N N 410 
TYR CA  HA   sing N N 411 
TYR C   O    doub N N 412 
TYR C   OXT  sing N N 413 
TYR CB  CG   sing N N 414 
TYR CB  HB2  sing N N 415 
TYR CB  HB3  sing N N 416 
TYR CG  CD1  doub Y N 417 
TYR CG  CD2  sing Y N 418 
TYR CD1 CE1  sing Y N 419 
TYR CD1 HD1  sing N N 420 
TYR CD2 CE2  doub Y N 421 
TYR CD2 HD2  sing N N 422 
TYR CE1 CZ   doub Y N 423 
TYR CE1 HE1  sing N N 424 
TYR CE2 CZ   sing Y N 425 
TYR CE2 HE2  sing N N 426 
TYR CZ  OH   sing N N 427 
TYR OH  HH   sing N N 428 
TYR OXT HXT  sing N N 429 
VAL N   CA   sing N N 430 
VAL N   H    sing N N 431 
VAL N   H2   sing N N 432 
VAL CA  C    sing N N 433 
VAL CA  CB   sing N N 434 
VAL CA  HA   sing N N 435 
VAL C   O    doub N N 436 
VAL C   OXT  sing N N 437 
VAL CB  CG1  sing N N 438 
VAL CB  CG2  sing N N 439 
VAL CB  HB   sing N N 440 
VAL CG1 HG11 sing N N 441 
VAL CG1 HG12 sing N N 442 
VAL CG1 HG13 sing N N 443 
VAL CG2 HG21 sing N N 444 
VAL CG2 HG22 sing N N 445 
VAL CG2 HG23 sing N N 446 
VAL OXT HXT  sing N N 447 
# 
_atom_sites.entry_id                    1COR 
_atom_sites.fract_transf_matrix[1][1]   1.000000 
_atom_sites.fract_transf_matrix[1][2]   0.000000 
_atom_sites.fract_transf_matrix[1][3]   0.000000 
_atom_sites.fract_transf_matrix[2][1]   0.000000 
_atom_sites.fract_transf_matrix[2][2]   1.000000 
_atom_sites.fract_transf_matrix[2][3]   0.000000 
_atom_sites.fract_transf_matrix[3][1]   0.000000 
_atom_sites.fract_transf_matrix[3][2]   0.000000 
_atom_sites.fract_transf_matrix[3][3]   1.000000 
_atom_sites.fract_transf_vector[1]      0.00000 
_atom_sites.fract_transf_vector[2]      0.00000 
_atom_sites.fract_transf_vector[3]      0.00000 
# 
loop_
_atom_type.symbol 
C  
FE 
N  
O  
S  
# 
loop_
_atom_site.group_PDB 
_atom_site.id 
_atom_site.type_symbol 
_atom_site.label_atom_id 
_atom_site.label_alt_id 
_atom_site.label_comp_id 
_atom_site.label_asym_id 
_atom_site.label_entity_id 
_atom_site.label_seq_id 
_atom_site.pdbx_PDB_ins_code 
_atom_site.Cartn_x 
_atom_site.Cartn_y 
_atom_site.Cartn_z 
_atom_site.occupancy 
_atom_site.B_iso_or_equiv 
_atom_site.pdbx_formal_charge 
_atom_site.auth_seq_id 
_atom_site.auth_comp_id 
_atom_site.auth_asym_id 
_atom_site.auth_atom_id 
_atom_site.pdbx_PDB_model_num 
HETATM 1   N  N   . PCA A 1 1  ? -0.125  -3.674  -13.898 1.00 0.00 ? 1  PCA A N   1 
HETATM 2   C  CA  . PCA A 1 1  ? -1.055  -4.440  -13.022 1.00 0.00 ? 1  PCA A CA  1 
HETATM 3   C  CB  . PCA A 1 1  ? -1.881  -5.313  -13.994 1.00 0.00 ? 1  PCA A CB  1 
HETATM 4   C  CG  . PCA A 1 1  ? -1.340  -4.979  -15.390 1.00 0.00 ? 1  PCA A CG  1 
HETATM 5   C  CD  . PCA A 1 1  ? -0.256  -3.939  -15.158 1.00 0.00 ? 1  PCA A CD  1 
HETATM 6   O  OE  . PCA A 1 1  ? 0.615   -3.776  -15.990 1.00 0.00 ? 1  PCA A OE  1 
HETATM 7   C  C   . PCA A 1 1  ? -0.268  -5.318  -12.053 1.00 0.00 ? 1  PCA A C   1 
HETATM 8   O  O   . PCA A 1 1  ? -0.863  -5.959  -11.209 1.00 0.00 ? 1  PCA A O   1 
ATOM   9   N  N   . ASP A 1 2  ? 1.030   -5.329  -12.190 1.00 0.00 ? 2  ASP A N   1 
ATOM   10  C  CA  . ASP A 1 2  ? 1.855   -6.163  -11.279 1.00 0.00 ? 2  ASP A CA  1 
ATOM   11  C  C   . ASP A 1 2  ? 1.459   -5.892  -9.829  1.00 0.00 ? 2  ASP A C   1 
ATOM   12  O  O   . ASP A 1 2  ? 1.829   -6.655  -8.959  1.00 0.00 ? 2  ASP A O   1 
ATOM   13  C  CB  . ASP A 1 2  ? 3.321   -5.770  -11.500 1.00 0.00 ? 2  ASP A CB  1 
ATOM   14  C  CG  . ASP A 1 2  ? 3.762   -6.213  -12.897 1.00 0.00 ? 2  ASP A CG  1 
ATOM   15  O  OD1 . ASP A 1 2  ? 2.968   -6.892  -13.526 1.00 0.00 ? 2  ASP A OD1 1 
ATOM   16  O  OD2 . ASP A 1 2  ? 4.870   -5.846  -13.255 1.00 0.00 ? 2  ASP A OD2 1 
ATOM   17  N  N   . GLY A 1 3  ? 0.730   -4.834  -9.606  1.00 0.00 ? 3  GLY A N   1 
ATOM   18  C  CA  . GLY A 1 3  ? 0.310   -4.515  -8.211  1.00 0.00 ? 3  GLY A CA  1 
ATOM   19  C  C   . GLY A 1 3  ? -0.998  -5.243  -7.896  1.00 0.00 ? 3  GLY A C   1 
ATOM   20  O  O   . GLY A 1 3  ? -1.117  -5.820  -6.833  1.00 0.00 ? 3  GLY A O   1 
ATOM   21  N  N   . GLU A 1 4  ? -1.931  -5.200  -8.808  1.00 0.00 ? 4  GLU A N   1 
ATOM   22  C  CA  . GLU A 1 4  ? -3.225  -5.889  -8.561  1.00 0.00 ? 4  GLU A CA  1 
ATOM   23  C  C   . GLU A 1 4  ? -2.976  -7.355  -8.219  1.00 0.00 ? 4  GLU A C   1 
ATOM   24  O  O   . GLU A 1 4  ? -3.632  -7.882  -7.342  1.00 0.00 ? 4  GLU A O   1 
ATOM   25  C  CB  . GLU A 1 4  ? -4.054  -5.787  -9.847  1.00 0.00 ? 4  GLU A CB  1 
ATOM   26  C  CG  . GLU A 1 4  ? -4.836  -4.473  -9.795  1.00 0.00 ? 4  GLU A CG  1 
ATOM   27  C  CD  . GLU A 1 4  ? -6.336  -4.773  -9.805  1.00 0.00 ? 4  GLU A CD  1 
ATOM   28  O  OE1 . GLU A 1 4  ? -6.802  -5.236  -8.777  1.00 0.00 ? 4  GLU A OE1 1 
ATOM   29  O  OE2 . GLU A 1 4  ? -6.931  -4.522  -10.840 1.00 0.00 ? 4  GLU A OE2 1 
ATOM   30  N  N   . ALA A 1 5  ? -2.053  -7.971  -8.905  1.00 0.00 ? 5  ALA A N   1 
ATOM   31  C  CA  . ALA A 1 5  ? -1.764  -9.401  -8.619  1.00 0.00 ? 5  ALA A CA  1 
ATOM   32  C  C   . ALA A 1 5  ? -1.386  -9.570  -7.150  1.00 0.00 ? 5  ALA A C   1 
ATOM   33  O  O   . ALA A 1 5  ? -2.140  -10.166 -6.406  1.00 0.00 ? 5  ALA A O   1 
ATOM   34  C  CB  . ALA A 1 5  ? -0.591  -9.819  -9.512  1.00 0.00 ? 5  ALA A CB  1 
ATOM   35  N  N   . LEU A 1 6  ? -0.248  -9.054  -6.771  1.00 0.00 ? 6  LEU A N   1 
ATOM   36  C  CA  . LEU A 1 6  ? 0.176   -9.186  -5.356  1.00 0.00 ? 6  LEU A CA  1 
ATOM   37  C  C   . LEU A 1 6  ? -0.959  -8.756  -4.433  1.00 0.00 ? 6  LEU A C   1 
ATOM   38  O  O   . LEU A 1 6  ? -1.310  -9.496  -3.536  1.00 0.00 ? 6  LEU A O   1 
ATOM   39  C  CB  . LEU A 1 6  ? 1.383   -8.265  -5.159  1.00 0.00 ? 6  LEU A CB  1 
ATOM   40  C  CG  . LEU A 1 6  ? 2.423   -8.622  -6.220  1.00 0.00 ? 6  LEU A CG  1 
ATOM   41  C  CD1 . LEU A 1 6  ? 3.811   -8.275  -5.677  1.00 0.00 ? 6  LEU A CD1 1 
ATOM   42  C  CD2 . LEU A 1 6  ? 2.364   -10.131 -6.466  1.00 0.00 ? 6  LEU A CD2 1 
ATOM   43  N  N   . PHE A 1 7  ? -1.499  -7.590  -4.666  1.00 0.00 ? 7  PHE A N   1 
ATOM   44  C  CA  . PHE A 1 7  ? -2.610  -7.118  -3.801  1.00 0.00 ? 7  PHE A CA  1 
ATOM   45  C  C   . PHE A 1 7  ? -3.721  -8.166  -3.773  1.00 0.00 ? 7  PHE A C   1 
ATOM   46  O  O   . PHE A 1 7  ? -4.465  -8.219  -2.815  1.00 0.00 ? 7  PHE A O   1 
ATOM   47  C  CB  . PHE A 1 7  ? -3.138  -5.810  -4.405  1.00 0.00 ? 7  PHE A CB  1 
ATOM   48  C  CG  . PHE A 1 7  ? -4.418  -5.392  -3.680  1.00 0.00 ? 7  PHE A CG  1 
ATOM   49  C  CD1 . PHE A 1 7  ? -5.620  -6.011  -3.969  1.00 0.00 ? 7  PHE A CD1 1 
ATOM   50  C  CD2 . PHE A 1 7  ? -4.389  -4.388  -2.729  1.00 0.00 ? 7  PHE A CD2 1 
ATOM   51  C  CE1 . PHE A 1 7  ? -6.775  -5.632  -3.315  1.00 0.00 ? 7  PHE A CE1 1 
ATOM   52  C  CE2 . PHE A 1 7  ? -5.544  -4.011  -2.076  1.00 0.00 ? 7  PHE A CE2 1 
ATOM   53  C  CZ  . PHE A 1 7  ? -6.737  -4.632  -2.369  1.00 0.00 ? 7  PHE A CZ  1 
ATOM   54  N  N   . LYS A 1 8  ? -3.808  -8.961  -4.806  1.00 0.00 ? 8  LYS A N   1 
ATOM   55  C  CA  . LYS A 1 8  ? -4.868  -10.002 -4.840  1.00 0.00 ? 8  LYS A CA  1 
ATOM   56  C  C   . LYS A 1 8  ? -4.493  -11.153 -3.911  1.00 0.00 ? 8  LYS A C   1 
ATOM   57  O  O   . LYS A 1 8  ? -5.340  -11.634 -3.186  1.00 0.00 ? 8  LYS A O   1 
ATOM   58  C  CB  . LYS A 1 8  ? -4.973  -10.507 -6.284  1.00 0.00 ? 8  LYS A CB  1 
ATOM   59  C  CG  . LYS A 1 8  ? -5.955  -9.597  -7.026  1.00 0.00 ? 8  LYS A CG  1 
ATOM   60  C  CD  . LYS A 1 8  ? -7.349  -9.843  -6.444  1.00 0.00 ? 8  LYS A CD  1 
ATOM   61  C  CE  . LYS A 1 8  ? -7.932  -8.489  -6.033  1.00 0.00 ? 8  LYS A CE  1 
ATOM   62  N  NZ  . LYS A 1 8  ? -9.402  -8.618  -5.830  1.00 0.00 ? 8  LYS A NZ  1 
ATOM   63  N  N   . SER A 1 9  ? -3.255  -11.559 -3.952  1.00 0.00 ? 9  SER A N   1 
ATOM   64  C  CA  . SER A 1 9  ? -2.824  -12.675 -3.071  1.00 0.00 ? 9  SER A CA  1 
ATOM   65  C  C   . SER A 1 9  ? -2.578  -12.135 -1.671  1.00 0.00 ? 9  SER A C   1 
ATOM   66  O  O   . SER A 1 9  ? -2.540  -12.903 -0.730  1.00 0.00 ? 9  SER A O   1 
ATOM   67  C  CB  . SER A 1 9  ? -1.526  -13.249 -3.650  1.00 0.00 ? 9  SER A CB  1 
ATOM   68  O  OG  . SER A 1 9  ? -1.921  -14.521 -4.143  1.00 0.00 ? 9  SER A OG  1 
ATOM   69  N  N   . LYS A 1 10 ? -2.420  -10.847 -1.568  1.00 0.00 ? 10 LYS A N   1 
ATOM   70  C  CA  . LYS A 1 10 ? -2.178  -10.247 -0.237  1.00 0.00 ? 10 LYS A CA  1 
ATOM   71  C  C   . LYS A 1 10 ? -3.477  -9.636  0.278   1.00 0.00 ? 10 LYS A C   1 
ATOM   72  O  O   . LYS A 1 10 ? -4.100  -8.861  -0.420  1.00 0.00 ? 10 LYS A O   1 
ATOM   73  C  CB  . LYS A 1 10 ? -1.116  -9.154  -0.405  1.00 0.00 ? 10 LYS A CB  1 
ATOM   74  C  CG  . LYS A 1 10 ? 0.058   -9.757  -1.179  1.00 0.00 ? 10 LYS A CG  1 
ATOM   75  C  CD  . LYS A 1 10 ? 1.262   -9.809  -0.236  1.00 0.00 ? 10 LYS A CD  1 
ATOM   76  C  CE  . LYS A 1 10 ? 2.226   -10.871 -0.767  1.00 0.00 ? 10 LYS A CE  1 
ATOM   77  N  NZ  . LYS A 1 10 ? 1.456   -11.947 -1.451  1.00 0.00 ? 10 LYS A NZ  1 
ATOM   78  N  N   . PRO A 1 11 ? -3.837  -10.006 1.472   1.00 0.00 ? 11 PRO A N   1 
ATOM   79  C  CA  . PRO A 1 11 ? -5.062  -9.508  2.111   1.00 0.00 ? 11 PRO A CA  1 
ATOM   80  C  C   . PRO A 1 11 ? -5.081  -7.976  2.152   1.00 0.00 ? 11 PRO A C   1 
ATOM   81  O  O   . PRO A 1 11 ? -5.990  -7.415  2.732   1.00 0.00 ? 11 PRO A O   1 
ATOM   82  C  CB  . PRO A 1 11 ? -5.013  -10.095 3.535   1.00 0.00 ? 11 PRO A CB  1 
ATOM   83  C  CG  . PRO A 1 11 ? -3.787  -11.048 3.609   1.00 0.00 ? 11 PRO A CG  1 
ATOM   84  C  CD  . PRO A 1 11 ? -3.048  -10.956 2.265   1.00 0.00 ? 11 PRO A CD  1 
ATOM   85  N  N   . CYS A 1 12 ? -4.100  -7.347  1.558   1.00 0.00 ? 12 CYS A N   1 
ATOM   86  C  CA  . CYS A 1 12 ? -4.069  -5.863  1.565   1.00 0.00 ? 12 CYS A CA  1 
ATOM   87  C  C   . CYS A 1 12 ? -5.462  -5.303  1.293   1.00 0.00 ? 12 CYS A C   1 
ATOM   88  O  O   . CYS A 1 12 ? -5.725  -4.180  1.656   1.00 0.00 ? 12 CYS A O   1 
ATOM   89  C  CB  . CYS A 1 12 ? -3.125  -5.418  0.442   1.00 0.00 ? 12 CYS A CB  1 
ATOM   90  S  SG  . CYS A 1 12 ? -1.508  -6.226  0.358   1.00 0.00 ? 12 CYS A SG  1 
ATOM   91  N  N   . ALA A 1 13 ? -6.300  -6.078  0.666   1.00 0.00 ? 13 ALA A N   1 
ATOM   92  C  CA  . ALA A 1 13 ? -7.674  -5.584  0.371   1.00 0.00 ? 13 ALA A CA  1 
ATOM   93  C  C   . ALA A 1 13 ? -8.534  -5.593  1.635   1.00 0.00 ? 13 ALA A C   1 
ATOM   94  O  O   . ALA A 1 13 ? -9.176  -4.602  1.923   1.00 0.00 ? 13 ALA A O   1 
ATOM   95  C  CB  . ALA A 1 13 ? -8.282  -6.526  -0.675  1.00 0.00 ? 13 ALA A CB  1 
ATOM   96  N  N   . ALA A 1 14 ? -8.533  -6.689  2.344   1.00 0.00 ? 14 ALA A N   1 
ATOM   97  C  CA  . ALA A 1 14 ? -9.351  -6.763  3.586   1.00 0.00 ? 14 ALA A CA  1 
ATOM   98  C  C   . ALA A 1 14 ? -9.224  -5.470  4.391   1.00 0.00 ? 14 ALA A C   1 
ATOM   99  O  O   . ALA A 1 14 ? -10.114 -5.160  5.159   1.00 0.00 ? 14 ALA A O   1 
ATOM   100 C  CB  . ALA A 1 14 ? -8.822  -7.940  4.412   1.00 0.00 ? 14 ALA A CB  1 
ATOM   101 N  N   . CYS A 1 15 ? -8.148  -4.757  4.205   1.00 0.00 ? 15 CYS A N   1 
ATOM   102 C  CA  . CYS A 1 15 ? -7.973  -3.488  4.965   1.00 0.00 ? 15 CYS A CA  1 
ATOM   103 C  C   . CYS A 1 15 ? -7.815  -2.301  4.008   1.00 0.00 ? 15 CYS A C   1 
ATOM   104 O  O   . CYS A 1 15 ? -8.253  -1.215  4.332   1.00 0.00 ? 15 CYS A O   1 
ATOM   105 C  CB  . CYS A 1 15 ? -6.694  -3.634  5.799   1.00 0.00 ? 15 CYS A CB  1 
ATOM   106 S  SG  . CYS A 1 15 ? -6.841  -4.407  7.434   1.00 0.00 ? 15 CYS A SG  1 
ATOM   107 N  N   . HIS A 1 16 ? -7.207  -2.528  2.874   1.00 0.00 ? 16 HIS A N   1 
ATOM   108 C  CA  . HIS A 1 16 ? -7.019  -1.413  1.900   1.00 0.00 ? 16 HIS A CA  1 
ATOM   109 C  C   . HIS A 1 16 ? -7.978  -1.547  0.722   1.00 0.00 ? 16 HIS A C   1 
ATOM   110 O  O   . HIS A 1 16 ? -7.766  -2.400  -0.116  1.00 0.00 ? 16 HIS A O   1 
ATOM   111 C  CB  . HIS A 1 16 ? -5.589  -1.504  1.354   1.00 0.00 ? 16 HIS A CB  1 
ATOM   112 C  CG  . HIS A 1 16 ? -4.548  -0.984  2.303   1.00 0.00 ? 16 HIS A CG  1 
ATOM   113 N  ND1 . HIS A 1 16 ? -4.143  0.328   2.431   1.00 0.00 ? 16 HIS A ND1 1 
ATOM   114 C  CD2 . HIS A 1 16 ? -3.799  -1.728  3.163   1.00 0.00 ? 16 HIS A CD2 1 
ATOM   115 C  CE1 . HIS A 1 16 ? -3.159  0.378   3.350   1.00 0.00 ? 16 HIS A CE1 1 
ATOM   116 N  NE2 . HIS A 1 16 ? -2.929  -0.864  3.820   1.00 0.00 ? 16 HIS A NE2 1 
ATOM   117 N  N   . SER A 1 17 ? -8.990  -0.727  0.675   1.00 0.00 ? 17 SER A N   1 
ATOM   118 C  CA  . SER A 1 17 ? -9.933  -0.829  -0.458  1.00 0.00 ? 17 SER A CA  1 
ATOM   119 C  C   . SER A 1 17 ? -9.579  0.228   -1.493  1.00 0.00 ? 17 SER A C   1 
ATOM   120 O  O   . SER A 1 17 ? -9.099  1.283   -1.129  1.00 0.00 ? 17 SER A O   1 
ATOM   121 C  CB  . SER A 1 17 ? -11.339 -0.577  0.070   1.00 0.00 ? 17 SER A CB  1 
ATOM   122 O  OG  . SER A 1 17 ? -11.262 -0.983  1.429   1.00 0.00 ? 17 SER A OG  1 
ATOM   123 N  N   . ILE A 1 18 ? -9.819  -0.068  -2.733  1.00 0.00 ? 18 ILE A N   1 
ATOM   124 C  CA  . ILE A 1 18 ? -9.495  0.922   -3.789  1.00 0.00 ? 18 ILE A CA  1 
ATOM   125 C  C   . ILE A 1 18 ? -10.706 1.815   -4.048  1.00 0.00 ? 18 ILE A C   1 
ATOM   126 O  O   . ILE A 1 18 ? -10.554 2.876   -4.617  1.00 0.00 ? 18 ILE A O   1 
ATOM   127 C  CB  . ILE A 1 18 ? -9.120  0.144   -5.049  1.00 0.00 ? 18 ILE A CB  1 
ATOM   128 C  CG1 . ILE A 1 18 ? -10.041 -1.064  -5.183  1.00 0.00 ? 18 ILE A CG1 1 
ATOM   129 C  CG2 . ILE A 1 18 ? -7.689  -0.376  -4.868  1.00 0.00 ? 18 ILE A CG2 1 
ATOM   130 C  CD1 . ILE A 1 18 ? -9.194  -2.240  -5.675  1.00 0.00 ? 18 ILE A CD1 1 
ATOM   131 N  N   . ASP A 1 19 ? -11.860 1.369   -3.638  1.00 0.00 ? 19 ASP A N   1 
ATOM   132 C  CA  . ASP A 1 19 ? -13.081 2.186   -3.855  1.00 0.00 ? 19 ASP A CA  1 
ATOM   133 C  C   . ASP A 1 19 ? -13.699 2.533   -2.505  1.00 0.00 ? 19 ASP A C   1 
ATOM   134 O  O   . ASP A 1 19 ? -14.689 3.236   -2.461  1.00 0.00 ? 19 ASP A O   1 
ATOM   135 C  CB  . ASP A 1 19 ? -14.062 1.343   -4.679  1.00 0.00 ? 19 ASP A CB  1 
ATOM   136 C  CG  . ASP A 1 19 ? -13.623 1.338   -6.144  1.00 0.00 ? 19 ASP A CG  1 
ATOM   137 O  OD1 . ASP A 1 19 ? -12.654 0.648   -6.417  1.00 0.00 ? 19 ASP A OD1 1 
ATOM   138 O  OD2 . ASP A 1 19 ? -14.281 2.024   -6.909  1.00 0.00 ? 19 ASP A OD2 1 
ATOM   139 N  N   . ALA A 1 20 ? -13.107 2.037   -1.452  1.00 0.00 ? 20 ALA A N   1 
ATOM   140 C  CA  . ALA A 1 20 ? -13.646 2.328   -0.100  1.00 0.00 ? 20 ALA A CA  1 
ATOM   141 C  C   . ALA A 1 20 ? -12.500 2.391   0.906   1.00 0.00 ? 20 ALA A C   1 
ATOM   142 O  O   . ALA A 1 20 ? -11.356 2.307   0.507   1.00 0.00 ? 20 ALA A O   1 
ATOM   143 C  CB  . ALA A 1 20 ? -14.596 1.185   0.269   1.00 0.00 ? 20 ALA A CB  1 
ATOM   144 N  N   . LYS A 1 21 ? -12.822 2.529   2.162   1.00 0.00 ? 21 LYS A N   1 
ATOM   145 C  CA  . LYS A 1 21 ? -11.745 2.597   3.182   1.00 0.00 ? 21 LYS A CA  1 
ATOM   146 C  C   . LYS A 1 21 ? -12.066 1.667   4.349   1.00 0.00 ? 21 LYS A C   1 
ATOM   147 O  O   . LYS A 1 21 ? -13.201 1.620   4.781   1.00 0.00 ? 21 LYS A O   1 
ATOM   148 C  CB  . LYS A 1 21 ? -11.673 4.044   3.678   1.00 0.00 ? 21 LYS A CB  1 
ATOM   149 C  CG  . LYS A 1 21 ? -10.220 4.334   4.060   1.00 0.00 ? 21 LYS A CG  1 
ATOM   150 C  CD  . LYS A 1 21 ? -10.059 5.851   4.167   1.00 0.00 ? 21 LYS A CD  1 
ATOM   151 C  CE  . LYS A 1 21 ? -11.202 6.381   5.036   1.00 0.00 ? 21 LYS A CE  1 
ATOM   152 N  NZ  . LYS A 1 21 ? -11.137 7.868   5.100   1.00 0.00 ? 21 LYS A NZ  1 
ATOM   153 N  N   . LEU A 1 22 ? -11.077 0.960   4.821   1.00 0.00 ? 22 LEU A N   1 
ATOM   154 C  CA  . LEU A 1 22 ? -11.313 0.033   5.956   1.00 0.00 ? 22 LEU A CA  1 
ATOM   155 C  C   . LEU A 1 22 ? -10.371 0.381   7.099   1.00 0.00 ? 22 LEU A C   1 
ATOM   156 O  O   . LEU A 1 22 ? -10.688 1.238   7.901   1.00 0.00 ? 22 LEU A O   1 
ATOM   157 C  CB  . LEU A 1 22 ? -11.008 -1.386  5.466   1.00 0.00 ? 22 LEU A CB  1 
ATOM   158 C  CG  . LEU A 1 22 ? -11.540 -1.509  4.036   1.00 0.00 ? 22 LEU A CG  1 
ATOM   159 C  CD1 . LEU A 1 22 ? -11.266 -2.926  3.532   1.00 0.00 ? 22 LEU A CD1 1 
ATOM   160 C  CD2 . LEU A 1 22 ? -13.056 -1.292  4.064   1.00 0.00 ? 22 LEU A CD2 1 
ATOM   161 N  N   . VAL A 1 23 ? -9.253  -0.283  7.143   1.00 0.00 ? 23 VAL A N   1 
ATOM   162 C  CA  . VAL A 1 23 ? -8.279  -0.006  8.222   1.00 0.00 ? 23 VAL A CA  1 
ATOM   163 C  C   . VAL A 1 23 ? -7.230  0.980   7.719   1.00 0.00 ? 23 VAL A C   1 
ATOM   164 O  O   . VAL A 1 23 ? -6.966  1.964   8.381   1.00 0.00 ? 23 VAL A O   1 
ATOM   165 C  CB  . VAL A 1 23 ? -7.607  -1.335  8.576   1.00 0.00 ? 23 VAL A CB  1 
ATOM   166 C  CG1 . VAL A 1 23 ? -6.263  -1.024  9.219   1.00 0.00 ? 23 VAL A CG1 1 
ATOM   167 C  CG2 . VAL A 1 23 ? -8.470  -2.067  9.600   1.00 0.00 ? 23 VAL A CG2 1 
ATOM   168 N  N   . GLY A 1 24 ? -6.667  0.698   6.576   1.00 0.00 ? 24 GLY A N   1 
ATOM   169 C  CA  . GLY A 1 24 ? -5.634  1.612   6.018   1.00 0.00 ? 24 GLY A CA  1 
ATOM   170 C  C   . GLY A 1 24 ? -6.285  2.552   5.005   1.00 0.00 ? 24 GLY A C   1 
ATOM   171 O  O   . GLY A 1 24 ? -7.466  2.438   4.742   1.00 0.00 ? 24 GLY A O   1 
ATOM   172 N  N   . PRO A 1 25 ? -5.494  3.442   4.478   1.00 0.00 ? 25 PRO A N   1 
ATOM   173 C  CA  . PRO A 1 25 ? -5.960  4.420   3.487   1.00 0.00 ? 25 PRO A CA  1 
ATOM   174 C  C   . PRO A 1 25 ? -6.438  3.706   2.224   1.00 0.00 ? 25 PRO A C   1 
ATOM   175 O  O   . PRO A 1 25 ? -5.737  2.846   1.728   1.00 0.00 ? 25 PRO A O   1 
ATOM   176 C  CB  . PRO A 1 25 ? -4.711  5.267   3.180   1.00 0.00 ? 25 PRO A CB  1 
ATOM   177 C  CG  . PRO A 1 25 ? -3.501  4.571   3.861   1.00 0.00 ? 25 PRO A CG  1 
ATOM   178 C  CD  . PRO A 1 25 ? -4.072  3.529   4.833   1.00 0.00 ? 25 PRO A CD  1 
ATOM   179 N  N   . ALA A 1 26 ? -7.596  4.063   1.739   1.00 0.00 ? 26 ALA A N   1 
ATOM   180 C  CA  . ALA A 1 26 ? -8.100  3.395   0.512   1.00 0.00 ? 26 ALA A CA  1 
ATOM   181 C  C   . ALA A 1 26 ? -7.088  3.589   -0.613  1.00 0.00 ? 26 ALA A C   1 
ATOM   182 O  O   . ALA A 1 26 ? -6.690  4.707   -0.867  1.00 0.00 ? 26 ALA A O   1 
ATOM   183 C  CB  . ALA A 1 26 ? -9.437  4.048   0.141   1.00 0.00 ? 26 ALA A CB  1 
ATOM   184 N  N   . PHE A 1 27 ? -6.698  2.515   -1.245  1.00 0.00 ? 27 PHE A N   1 
ATOM   185 C  CA  . PHE A 1 27 ? -5.712  2.629   -2.354  1.00 0.00 ? 27 PHE A CA  1 
ATOM   186 C  C   . PHE A 1 27 ? -6.024  3.836   -3.234  1.00 0.00 ? 27 PHE A C   1 
ATOM   187 O  O   . PHE A 1 27 ? -5.111  4.421   -3.782  1.00 0.00 ? 27 PHE A O   1 
ATOM   188 C  CB  . PHE A 1 27 ? -5.798  1.338   -3.176  1.00 0.00 ? 27 PHE A CB  1 
ATOM   189 C  CG  . PHE A 1 27 ? -4.744  0.357   -2.661  1.00 0.00 ? 27 PHE A CG  1 
ATOM   190 C  CD1 . PHE A 1 27 ? -4.109  0.586   -1.454  1.00 0.00 ? 27 PHE A CD1 1 
ATOM   191 C  CD2 . PHE A 1 27 ? -4.419  -0.773  -3.389  1.00 0.00 ? 27 PHE A CD2 1 
ATOM   192 C  CE1 . PHE A 1 27 ? -3.165  -0.302  -0.981  1.00 0.00 ? 27 PHE A CE1 1 
ATOM   193 C  CE2 . PHE A 1 27 ? -3.474  -1.661  -2.914  1.00 0.00 ? 27 PHE A CE2 1 
ATOM   194 C  CZ  . PHE A 1 27 ? -2.848  -1.425  -1.710  1.00 0.00 ? 27 PHE A CZ  1 
ATOM   195 N  N   . LYS A 1 28 ? -7.276  4.180   -3.351  1.00 0.00 ? 28 LYS A N   1 
ATOM   196 C  CA  . LYS A 1 28 ? -7.626  5.351   -4.198  1.00 0.00 ? 28 LYS A CA  1 
ATOM   197 C  C   . LYS A 1 28 ? -7.189  6.636   -3.503  1.00 0.00 ? 28 LYS A C   1 
ATOM   198 O  O   . LYS A 1 28 ? -6.714  7.538   -4.165  1.00 0.00 ? 28 LYS A O   1 
ATOM   199 C  CB  . LYS A 1 28 ? -9.147  5.348   -4.388  1.00 0.00 ? 28 LYS A CB  1 
ATOM   200 C  CG  . LYS A 1 28 ? -9.777  6.002   -3.157  1.00 0.00 ? 28 LYS A CG  1 
ATOM   201 C  CD  . LYS A 1 28 ? -11.260 5.628   -3.138  1.00 0.00 ? 28 LYS A CD  1 
ATOM   202 C  CE  . LYS A 1 28 ? -12.029 6.721   -3.882  1.00 0.00 ? 28 LYS A CE  1 
ATOM   203 N  NZ  . LYS A 1 28 ? -11.068 7.660   -4.526  1.00 0.00 ? 28 LYS A NZ  1 
ATOM   204 N  N   . GLU A 1 29 ? -7.354  6.693   -2.210  1.00 0.00 ? 29 GLU A N   1 
ATOM   205 C  CA  . GLU A 1 29 ? -6.946  7.919   -1.480  1.00 0.00 ? 29 GLU A CA  1 
ATOM   206 C  C   . GLU A 1 29 ? -5.434  7.896   -1.305  1.00 0.00 ? 29 GLU A C   1 
ATOM   207 O  O   . GLU A 1 29 ? -4.821  8.939   -1.199  1.00 0.00 ? 29 GLU A O   1 
ATOM   208 C  CB  . GLU A 1 29 ? -7.636  7.893   -0.111  1.00 0.00 ? 29 GLU A CB  1 
ATOM   209 C  CG  . GLU A 1 29 ? -8.991  8.587   -0.258  1.00 0.00 ? 29 GLU A CG  1 
ATOM   210 C  CD  . GLU A 1 29 ? -9.156  9.627   0.851   1.00 0.00 ? 29 GLU A CD  1 
ATOM   211 O  OE1 . GLU A 1 29 ? -8.179  10.317  1.095   1.00 0.00 ? 29 GLU A OE1 1 
ATOM   212 O  OE2 . GLU A 1 29 ? -10.248 9.673   1.393   1.00 0.00 ? 29 GLU A OE2 1 
ATOM   213 N  N   . VAL A 1 30 ? -4.885  6.714   -1.283  1.00 0.00 ? 30 VAL A N   1 
ATOM   214 C  CA  . VAL A 1 30 ? -3.418  6.582   -1.119  1.00 0.00 ? 30 VAL A CA  1 
ATOM   215 C  C   . VAL A 1 30 ? -2.740  6.987   -2.418  1.00 0.00 ? 30 VAL A C   1 
ATOM   216 O  O   . VAL A 1 30 ? -1.764  7.709   -2.388  1.00 0.00 ? 30 VAL A O   1 
ATOM   217 C  CB  . VAL A 1 30 ? -3.137  5.104   -0.835  1.00 0.00 ? 30 VAL A CB  1 
ATOM   218 C  CG1 . VAL A 1 30 ? -1.746  4.757   -1.361  1.00 0.00 ? 30 VAL A CG1 1 
ATOM   219 C  CG2 . VAL A 1 30 ? -3.147  4.889   0.679   1.00 0.00 ? 30 VAL A CG2 1 
ATOM   220 N  N   . ALA A 1 31 ? -3.271  6.515   -3.508  1.00 0.00 ? 31 ALA A N   1 
ATOM   221 C  CA  . ALA A 1 31 ? -2.671  6.862   -4.821  1.00 0.00 ? 31 ALA A CA  1 
ATOM   222 C  C   . ALA A 1 31 ? -2.781  8.366   -5.060  1.00 0.00 ? 31 ALA A C   1 
ATOM   223 O  O   . ALA A 1 31 ? -1.828  8.968   -5.514  1.00 0.00 ? 31 ALA A O   1 
ATOM   224 C  CB  . ALA A 1 31 ? -3.452  6.102   -5.898  1.00 0.00 ? 31 ALA A CB  1 
ATOM   225 N  N   . ALA A 1 32 ? -3.918  8.931   -4.756  1.00 0.00 ? 32 ALA A N   1 
ATOM   226 C  CA  . ALA A 1 32 ? -4.083  10.392  -4.967  1.00 0.00 ? 32 ALA A CA  1 
ATOM   227 C  C   . ALA A 1 32 ? -3.047  11.152  -4.146  1.00 0.00 ? 32 ALA A C   1 
ATOM   228 O  O   . ALA A 1 32 ? -2.569  12.177  -4.590  1.00 0.00 ? 32 ALA A O   1 
ATOM   229 C  CB  . ALA A 1 32 ? -5.495  10.770  -4.503  1.00 0.00 ? 32 ALA A CB  1 
ATOM   230 N  N   . LYS A 1 33 ? -2.728  10.644  -2.986  1.00 0.00 ? 33 LYS A N   1 
ATOM   231 C  CA  . LYS A 1 33 ? -1.726  11.336  -2.140  1.00 0.00 ? 33 LYS A CA  1 
ATOM   232 C  C   . LYS A 1 33 ? -0.323  11.094  -2.692  1.00 0.00 ? 33 LYS A C   1 
ATOM   233 O  O   . LYS A 1 33 ? 0.387   12.044  -2.950  1.00 0.00 ? 33 LYS A O   1 
ATOM   234 C  CB  . LYS A 1 33 ? -1.840  10.746  -0.731  1.00 0.00 ? 33 LYS A CB  1 
ATOM   235 C  CG  . LYS A 1 33 ? -0.906  11.542  0.185   1.00 0.00 ? 33 LYS A CG  1 
ATOM   236 C  CD  . LYS A 1 33 ? -1.373  11.335  1.627   1.00 0.00 ? 33 LYS A CD  1 
ATOM   237 C  CE  . LYS A 1 33 ? -0.965  12.571  2.432   1.00 0.00 ? 33 LYS A CE  1 
ATOM   238 N  NZ  . LYS A 1 33 ? -2.046  12.920  3.397   1.00 0.00 ? 33 LYS A NZ  1 
ATOM   239 N  N   . TYR A 1 34 ? 0.038   9.850   -2.856  1.00 0.00 ? 34 TYR A N   1 
ATOM   240 C  CA  . TYR A 1 34 ? 1.387   9.546   -3.387  1.00 0.00 ? 34 TYR A CA  1 
ATOM   241 C  C   . TYR A 1 34 ? 1.317   9.299   -4.892  1.00 0.00 ? 34 TYR A C   1 
ATOM   242 O  O   . TYR A 1 34 ? 2.062   8.481   -5.395  1.00 0.00 ? 34 TYR A O   1 
ATOM   243 C  CB  . TYR A 1 34 ? 1.865   8.281   -2.674  1.00 0.00 ? 34 TYR A CB  1 
ATOM   244 C  CG  . TYR A 1 34 ? 1.733   8.469   -1.161  1.00 0.00 ? 34 TYR A CG  1 
ATOM   245 C  CD1 . TYR A 1 34 ? 2.244   9.595   -0.548  1.00 0.00 ? 34 TYR A CD1 1 
ATOM   246 C  CD2 . TYR A 1 34 ? 1.098   7.517   -0.391  1.00 0.00 ? 34 TYR A CD2 1 
ATOM   247 C  CE1 . TYR A 1 34 ? 2.121   9.765   0.816   1.00 0.00 ? 34 TYR A CE1 1 
ATOM   248 C  CE2 . TYR A 1 34 ? 0.975   7.687   0.973   1.00 0.00 ? 34 TYR A CE2 1 
ATOM   249 C  CZ  . TYR A 1 34 ? 1.485   8.813   1.587   1.00 0.00 ? 34 TYR A CZ  1 
ATOM   250 O  OH  . TYR A 1 34 ? 1.362   8.983   2.950   1.00 0.00 ? 34 TYR A OH  1 
ATOM   251 N  N   . ALA A 1 35 ? 0.443   9.995   -5.565  1.00 0.00 ? 35 ALA A N   1 
ATOM   252 C  CA  . ALA A 1 35 ? 0.330   9.798   -7.034  1.00 0.00 ? 35 ALA A CA  1 
ATOM   253 C  C   . ALA A 1 35 ? 1.542   10.408  -7.733  1.00 0.00 ? 35 ALA A C   1 
ATOM   254 O  O   . ALA A 1 35 ? 1.967   11.483  -7.358  1.00 0.00 ? 35 ALA A O   1 
ATOM   255 C  CB  . ALA A 1 35 ? -0.949  10.505  -7.496  1.00 0.00 ? 35 ALA A CB  1 
ATOM   256 N  N   . GLY A 1 36 ? 2.061   9.725   -8.716  1.00 0.00 ? 36 GLY A N   1 
ATOM   257 C  CA  . GLY A 1 36 ? 3.244   10.269  -9.438  1.00 0.00 ? 36 GLY A CA  1 
ATOM   258 C  C   . GLY A 1 36 ? 4.299   10.717  -8.424  1.00 0.00 ? 36 GLY A C   1 
ATOM   259 O  O   . GLY A 1 36 ? 5.184   11.468  -8.778  1.00 0.00 ? 36 GLY A O   1 
ATOM   260 N  N   . GLN A 1 37 ? 4.179   10.256  -7.208  1.00 0.00 ? 37 GLN A N   1 
ATOM   261 C  CA  . GLN A 1 37 ? 5.172   10.655  -6.177  1.00 0.00 ? 37 GLN A CA  1 
ATOM   262 C  C   . GLN A 1 37 ? 6.326   9.665   -6.163  1.00 0.00 ? 37 GLN A C   1 
ATOM   263 O  O   . GLN A 1 37 ? 6.586   9.057   -5.143  1.00 0.00 ? 37 GLN A O   1 
ATOM   264 C  CB  . GLN A 1 37 ? 4.469   10.627  -4.828  1.00 0.00 ? 37 GLN A CB  1 
ATOM   265 C  CG  . GLN A 1 37 ? 3.308   11.623  -4.883  1.00 0.00 ? 37 GLN A CG  1 
ATOM   266 C  CD  . GLN A 1 37 ? 3.545   12.741  -3.866  1.00 0.00 ? 37 GLN A CD  1 
ATOM   267 O  OE1 . GLN A 1 37 ? 2.607   13.398  -3.461  1.00 0.00 ? 37 GLN A OE1 1 
ATOM   268 N  NE2 . GLN A 1 37 ? 4.754   12.984  -3.439  1.00 0.00 ? 37 GLN A NE2 1 
ATOM   269 N  N   . ASP A 1 38 ? 6.969   9.530   -7.278  1.00 0.00 ? 38 ASP A N   1 
ATOM   270 C  CA  . ASP A 1 38 ? 8.113   8.586   -7.371  1.00 0.00 ? 38 ASP A CA  1 
ATOM   271 C  C   . ASP A 1 38 ? 8.976   8.689   -6.117  1.00 0.00 ? 38 ASP A C   1 
ATOM   272 O  O   . ASP A 1 38 ? 9.131   9.771   -5.588  1.00 0.00 ? 38 ASP A O   1 
ATOM   273 C  CB  . ASP A 1 38 ? 8.934   8.988   -8.601  1.00 0.00 ? 38 ASP A CB  1 
ATOM   274 C  CG  . ASP A 1 38 ? 7.999   9.543   -9.676  1.00 0.00 ? 38 ASP A CG  1 
ATOM   275 O  OD1 . ASP A 1 38 ? 6.957   8.935   -9.854  1.00 0.00 ? 38 ASP A OD1 1 
ATOM   276 O  OD2 . ASP A 1 38 ? 8.379   10.546  -10.259 1.00 0.00 ? 38 ASP A OD2 1 
ATOM   277 N  N   . GLY A 1 39 ? 9.507   7.582   -5.677  1.00 0.00 ? 39 GLY A N   1 
ATOM   278 C  CA  . GLY A 1 39 ? 10.360  7.617   -4.456  1.00 0.00 ? 39 GLY A CA  1 
ATOM   279 C  C   . GLY A 1 39 ? 9.495   7.337   -3.226  1.00 0.00 ? 39 GLY A C   1 
ATOM   280 O  O   . GLY A 1 39 ? 10.003  6.837   -2.241  1.00 0.00 ? 39 GLY A O   1 
ATOM   281 N  N   . ALA A 1 40 ? 8.232   7.657   -3.309  1.00 0.00 ? 40 ALA A N   1 
ATOM   282 C  CA  . ALA A 1 40 ? 7.338   7.410   -2.147  1.00 0.00 ? 40 ALA A CA  1 
ATOM   283 C  C   . ALA A 1 40 ? 7.033   5.919   -2.036  1.00 0.00 ? 40 ALA A C   1 
ATOM   284 O  O   . ALA A 1 40 ? 7.125   5.373   -0.955  1.00 0.00 ? 40 ALA A O   1 
ATOM   285 C  CB  . ALA A 1 40 ? 6.042   8.191   -2.389  1.00 0.00 ? 40 ALA A CB  1 
ATOM   286 N  N   . ALA A 1 41 ? 6.676   5.303   -3.131  1.00 0.00 ? 41 ALA A N   1 
ATOM   287 C  CA  . ALA A 1 41 ? 6.368   3.851   -3.076  1.00 0.00 ? 41 ALA A CA  1 
ATOM   288 C  C   . ALA A 1 41 ? 7.521   3.109   -2.405  1.00 0.00 ? 41 ALA A C   1 
ATOM   289 O  O   . ALA A 1 41 ? 7.284   2.137   -1.716  1.00 0.00 ? 41 ALA A O   1 
ATOM   290 C  CB  . ALA A 1 41 ? 6.195   3.358   -4.518  1.00 0.00 ? 41 ALA A CB  1 
ATOM   291 N  N   . ASP A 1 42 ? 8.722   3.576   -2.617  1.00 0.00 ? 42 ASP A N   1 
ATOM   292 C  CA  . ASP A 1 42 ? 9.886   2.898   -1.992  1.00 0.00 ? 42 ASP A CA  1 
ATOM   293 C  C   . ASP A 1 42 ? 9.806   3.038   -0.475  1.00 0.00 ? 42 ASP A C   1 
ATOM   294 O  O   . ASP A 1 42 ? 10.080  2.085   0.227   1.00 0.00 ? 42 ASP A O   1 
ATOM   295 C  CB  . ASP A 1 42 ? 11.157  3.581   -2.515  1.00 0.00 ? 42 ASP A CB  1 
ATOM   296 C  CG  . ASP A 1 42 ? 12.230  2.525   -2.791  1.00 0.00 ? 42 ASP A CG  1 
ATOM   297 O  OD1 . ASP A 1 42 ? 12.710  1.973   -1.815  1.00 0.00 ? 42 ASP A OD1 1 
ATOM   298 O  OD2 . ASP A 1 42 ? 12.510  2.332   -3.963  1.00 0.00 ? 42 ASP A OD2 1 
ATOM   299 N  N   . LEU A 1 43 ? 9.441   4.202   -0.011  1.00 0.00 ? 43 LEU A N   1 
ATOM   300 C  CA  . LEU A 1 43 ? 9.344   4.403   1.458   1.00 0.00 ? 43 LEU A CA  1 
ATOM   301 C  C   . LEU A 1 43 ? 8.138   3.641   1.998   1.00 0.00 ? 43 LEU A C   1 
ATOM   302 O  O   . LEU A 1 43 ? 8.184   3.166   3.115   1.00 0.00 ? 43 LEU A O   1 
ATOM   303 C  CB  . LEU A 1 43 ? 9.166   5.905   1.706   1.00 0.00 ? 43 LEU A CB  1 
ATOM   304 C  CG  . LEU A 1 43 ? 10.176  6.646   0.830   1.00 0.00 ? 43 LEU A CG  1 
ATOM   305 C  CD1 . LEU A 1 43 ? 9.699   8.090   0.654   1.00 0.00 ? 43 LEU A CD1 1 
ATOM   306 C  CD2 . LEU A 1 43 ? 11.522  6.666   1.558   1.00 0.00 ? 43 LEU A CD2 1 
ATOM   307 N  N   . LEU A 1 44 ? 7.106   3.544   1.207   1.00 0.00 ? 44 LEU A N   1 
ATOM   308 C  CA  . LEU A 1 44 ? 5.899   2.815   1.672   1.00 0.00 ? 44 LEU A CA  1 
ATOM   309 C  C   . LEU A 1 44 ? 6.217   1.326   1.771   1.00 0.00 ? 44 LEU A C   1 
ATOM   310 O  O   . LEU A 1 44 ? 5.774   0.683   2.701   1.00 0.00 ? 44 LEU A O   1 
ATOM   311 C  CB  . LEU A 1 44 ? 4.789   3.042   0.639   1.00 0.00 ? 44 LEU A CB  1 
ATOM   312 C  CG  . LEU A 1 44 ? 4.632   4.551   0.434   1.00 0.00 ? 44 LEU A CG  1 
ATOM   313 C  CD1 . LEU A 1 44 ? 3.362   4.798   -0.382  1.00 0.00 ? 44 LEU A CD1 1 
ATOM   314 C  CD2 . LEU A 1 44 ? 4.461   5.211   1.805   1.00 0.00 ? 44 LEU A CD2 1 
ATOM   315 N  N   . ALA A 1 45 ? 6.966   0.823   0.827   1.00 0.00 ? 45 ALA A N   1 
ATOM   316 C  CA  . ALA A 1 45 ? 7.312   -0.621  0.867   1.00 0.00 ? 45 ALA A CA  1 
ATOM   317 C  C   . ALA A 1 45 ? 7.943   -0.954  2.215   1.00 0.00 ? 45 ALA A C   1 
ATOM   318 O  O   . ALA A 1 45 ? 7.670   -2.006  2.757   1.00 0.00 ? 45 ALA A O   1 
ATOM   319 C  CB  . ALA A 1 45 ? 8.317   -0.884  -0.260  1.00 0.00 ? 45 ALA A CB  1 
ATOM   320 N  N   . GLY A 1 46 ? 8.757   -0.065  2.719   1.00 0.00 ? 46 GLY A N   1 
ATOM   321 C  CA  . GLY A 1 46 ? 9.404   -0.332  4.033   1.00 0.00 ? 46 GLY A CA  1 
ATOM   322 C  C   . GLY A 1 46 ? 8.325   -0.383  5.115   1.00 0.00 ? 46 GLY A C   1 
ATOM   323 O  O   . GLY A 1 46 ? 8.443   -1.163  6.039   1.00 0.00 ? 46 GLY A O   1 
ATOM   324 N  N   . HIS A 1 47 ? 7.317   0.436   4.977   1.00 0.00 ? 47 HIS A N   1 
ATOM   325 C  CA  . HIS A 1 47 ? 6.235   0.439   5.991   1.00 0.00 ? 47 HIS A CA  1 
ATOM   326 C  C   . HIS A 1 47 ? 5.471   -0.881  5.932   1.00 0.00 ? 47 HIS A C   1 
ATOM   327 O  O   . HIS A 1 47 ? 4.945   -1.311  6.939   1.00 0.00 ? 47 HIS A O   1 
ATOM   328 C  CB  . HIS A 1 47 ? 5.297   1.601   5.645   1.00 0.00 ? 47 HIS A CB  1 
ATOM   329 C  CG  . HIS A 1 47 ? 6.122   2.855   5.356   1.00 0.00 ? 47 HIS A CG  1 
ATOM   330 N  ND1 . HIS A 1 47 ? 5.747   3.829   4.603   1.00 0.00 ? 47 HIS A ND1 1 
ATOM   331 C  CD2 . HIS A 1 47 ? 7.384   3.215   5.807   1.00 0.00 ? 47 HIS A CD2 1 
ATOM   332 C  CE1 . HIS A 1 47 ? 6.654   4.738   4.555   1.00 0.00 ? 47 HIS A CE1 1 
ATOM   333 N  NE2 . HIS A 1 47 ? 7.686   4.400   5.286   1.00 0.00 ? 47 HIS A NE2 1 
ATOM   334 N  N   . ILE A 1 48 ? 5.425   -1.484  4.776   1.00 0.00 ? 48 ILE A N   1 
ATOM   335 C  CA  . ILE A 1 48 ? 4.698   -2.774  4.652   1.00 0.00 ? 48 ILE A CA  1 
ATOM   336 C  C   . ILE A 1 48 ? 5.337   -3.820  5.562   1.00 0.00 ? 48 ILE A C   1 
ATOM   337 O  O   . ILE A 1 48 ? 4.629   -4.494  6.283   1.00 0.00 ? 48 ILE A O   1 
ATOM   338 C  CB  . ILE A 1 48 ? 4.802   -3.220  3.193   1.00 0.00 ? 48 ILE A CB  1 
ATOM   339 C  CG1 . ILE A 1 48 ? 3.901   -2.336  2.336   1.00 0.00 ? 48 ILE A CG1 1 
ATOM   340 C  CG2 . ILE A 1 48 ? 4.275   -4.657  3.102   1.00 0.00 ? 48 ILE A CG2 1 
ATOM   341 C  CD1 . ILE A 1 48 ? 4.322   -2.515  0.876   1.00 0.00 ? 48 ILE A CD1 1 
ATOM   342 N  N   . LYS A 1 49 ? 6.636   -3.931  5.508   1.00 0.00 ? 49 LYS A N   1 
ATOM   343 C  CA  . LYS A 1 49 ? 7.317   -4.933  6.368   1.00 0.00 ? 49 LYS A CA  1 
ATOM   344 C  C   . LYS A 1 49 ? 7.523   -4.358  7.768   1.00 0.00 ? 49 LYS A C   1 
ATOM   345 O  O   . LYS A 1 49 ? 7.172   -5.004  8.735   1.00 0.00 ? 49 LYS A O   1 
ATOM   346 C  CB  . LYS A 1 49 ? 8.675   -5.239  5.727   1.00 0.00 ? 49 LYS A CB  1 
ATOM   347 C  CG  . LYS A 1 49 ? 8.460   -6.332  4.678   1.00 0.00 ? 49 LYS A CG  1 
ATOM   348 C  CD  . LYS A 1 49 ? 8.714   -5.716  3.301   1.00 0.00 ? 49 LYS A CD  1 
ATOM   349 C  CE  . LYS A 1 49 ? 9.802   -6.543  2.614   1.00 0.00 ? 49 LYS A CE  1 
ATOM   350 N  NZ  . LYS A 1 49 ? 10.908  -6.814  3.575   1.00 0.00 ? 49 LYS A NZ  1 
ATOM   351 N  N   . ASN A 1 50 ? 8.078   -3.179  7.844   1.00 0.00 ? 50 ASN A N   1 
ATOM   352 C  CA  . ASN A 1 50 ? 8.306   -2.563  9.176   1.00 0.00 ? 50 ASN A CA  1 
ATOM   353 C  C   . ASN A 1 50 ? 7.005   -1.957  9.697   1.00 0.00 ? 50 ASN A C   1 
ATOM   354 O  O   . ASN A 1 50 ? 7.034   -1.233  10.672  1.00 0.00 ? 50 ASN A O   1 
ATOM   355 C  CB  . ASN A 1 50 ? 9.358   -1.461  8.996   1.00 0.00 ? 50 ASN A CB  1 
ATOM   356 C  CG  . ASN A 1 50 ? 10.610  -1.816  9.800   1.00 0.00 ? 50 ASN A CG  1 
ATOM   357 O  OD1 . ASN A 1 50 ? 10.502  -2.206  10.945  1.00 0.00 ? 50 ASN A OD1 1 
ATOM   358 N  ND2 . ASN A 1 50 ? 11.788  -1.698  9.250   1.00 0.00 ? 50 ASN A ND2 1 
ATOM   359 N  N   . GLY A 1 51 ? 5.914   -2.260  9.049   1.00 0.00 ? 51 GLY A N   1 
ATOM   360 C  CA  . GLY A 1 51 ? 4.612   -1.701  9.507   1.00 0.00 ? 51 GLY A CA  1 
ATOM   361 C  C   . GLY A 1 51 ? 4.606   -0.188  9.285   1.00 0.00 ? 51 GLY A C   1 
ATOM   362 O  O   . GLY A 1 51 ? 5.661   0.397   9.140   1.00 0.00 ? 51 GLY A O   1 
ATOM   363 N  N   . SER A 1 52 ? 3.441   0.401   9.266   1.00 0.00 ? 52 SER A N   1 
ATOM   364 C  CA  . SER A 1 52 ? 3.369   1.870   9.055   1.00 0.00 ? 52 SER A CA  1 
ATOM   365 C  C   . SER A 1 52 ? 2.454   2.501   10.101  1.00 0.00 ? 52 SER A C   1 
ATOM   366 O  O   . SER A 1 52 ? 1.605   1.817   10.640  1.00 0.00 ? 52 SER A O   1 
ATOM   367 C  CB  . SER A 1 52 ? 2.797   2.103   7.652   1.00 0.00 ? 52 SER A CB  1 
ATOM   368 O  OG  . SER A 1 52 ? 3.373   3.343   7.266   1.00 0.00 ? 52 SER A OG  1 
ATOM   369 N  N   . GLN A 1 53 ? 2.640   3.766   10.360  1.00 0.00 ? 53 GLN A N   1 
ATOM   370 C  CA  . GLN A 1 53 ? 1.782   4.438   11.368  1.00 0.00 ? 53 GLN A CA  1 
ATOM   371 C  C   . GLN A 1 53 ? 2.136   5.921   11.445  1.00 0.00 ? 53 GLN A C   1 
ATOM   372 O  O   . GLN A 1 53 ? 3.295   6.248   11.602  1.00 0.00 ? 53 GLN A O   1 
ATOM   373 C  CB  . GLN A 1 53 ? 2.049   3.767   12.720  1.00 0.00 ? 53 GLN A CB  1 
ATOM   374 C  CG  . GLN A 1 53 ? 2.345   4.869   13.739  1.00 0.00 ? 53 GLN A CG  1 
ATOM   375 C  CD  . GLN A 1 53 ? 2.924   4.244   15.011  1.00 0.00 ? 53 GLN A CD  1 
ATOM   376 O  OE1 . GLN A 1 53 ? 2.252   3.471   15.664  1.00 0.00 ? 53 GLN A OE1 1 
ATOM   377 N  NE2 . GLN A 1 53 ? 4.136   4.547   15.388  1.00 0.00 ? 53 GLN A NE2 1 
ATOM   378 N  N   . GLY A 1 54 ? 1.151   6.770   11.335  1.00 0.00 ? 54 GLY A N   1 
ATOM   379 C  CA  . GLY A 1 54 ? 1.433   8.231   11.402  1.00 0.00 ? 54 GLY A CA  1 
ATOM   380 C  C   . GLY A 1 54 ? 1.230   8.850   10.017  1.00 0.00 ? 54 GLY A C   1 
ATOM   381 O  O   . GLY A 1 54 ? 1.158   10.058  9.909   1.00 0.00 ? 54 GLY A O   1 
ATOM   382 N  N   . VAL A 1 55 ? 1.145   8.024   9.009   1.00 0.00 ? 55 VAL A N   1 
ATOM   383 C  CA  . VAL A 1 55 ? 0.950   8.553   7.642   1.00 0.00 ? 55 VAL A CA  1 
ATOM   384 C  C   . VAL A 1 55 ? -0.540  8.640   7.334   1.00 0.00 ? 55 VAL A C   1 
ATOM   385 O  O   . VAL A 1 55 ? -0.925  9.357   6.432   1.00 0.00 ? 55 VAL A O   1 
ATOM   386 C  CB  . VAL A 1 55 ? 1.601   7.548   6.696   1.00 0.00 ? 55 VAL A CB  1 
ATOM   387 C  CG1 . VAL A 1 55 ? 1.975   8.263   5.396   1.00 0.00 ? 55 VAL A CG1 1 
ATOM   388 C  CG2 . VAL A 1 55 ? 2.871   7.015   7.346   1.00 0.00 ? 55 VAL A CG2 1 
ATOM   389 N  N   . TRP A 1 56 ? -1.329  7.917   8.079   1.00 0.00 ? 56 TRP A N   1 
ATOM   390 C  CA  . TRP A 1 56 ? -2.791  7.949   7.836   1.00 0.00 ? 56 TRP A CA  1 
ATOM   391 C  C   . TRP A 1 56 ? -3.551  7.860   9.159   1.00 0.00 ? 56 TRP A C   1 
ATOM   392 O  O   . TRP A 1 56 ? -3.851  8.882   9.744   1.00 0.00 ? 56 TRP A O   1 
ATOM   393 C  CB  . TRP A 1 56 ? -3.126  6.731   6.970   1.00 0.00 ? 56 TRP A CB  1 
ATOM   394 C  CG  . TRP A 1 56 ? -2.353  6.810   5.650   1.00 0.00 ? 56 TRP A CG  1 
ATOM   395 C  CD1 . TRP A 1 56 ? -1.165  6.221   5.407   1.00 0.00 ? 56 TRP A CD1 1 
ATOM   396 C  CD2 . TRP A 1 56 ? -2.778  7.442   4.559   1.00 0.00 ? 56 TRP A CD2 1 
ATOM   397 N  NE1 . TRP A 1 56 ? -0.919  6.533   4.131   1.00 0.00 ? 56 TRP A NE1 1 
ATOM   398 C  CE2 . TRP A 1 56 ? -1.872  7.290   3.529   1.00 0.00 ? 56 TRP A CE2 1 
ATOM   399 C  CE3 . TRP A 1 56 ? -3.933  8.171   4.359   1.00 0.00 ? 56 TRP A CE3 1 
ATOM   400 C  CZ2 . TRP A 1 56 ? -2.119  7.866   2.301   1.00 0.00 ? 56 TRP A CZ2 1 
ATOM   401 C  CZ3 . TRP A 1 56 ? -4.180  8.748   3.130   1.00 0.00 ? 56 TRP A CZ3 1 
ATOM   402 C  CH2 . TRP A 1 56 ? -3.273  8.596   2.101   1.00 0.00 ? 56 TRP A CH2 1 
ATOM   403 N  N   . GLY A 1 57 ? -3.840  6.662   9.592   1.00 0.00 ? 57 GLY A N   1 
ATOM   404 C  CA  . GLY A 1 57 ? -4.581  6.506   10.874  1.00 0.00 ? 57 GLY A CA  1 
ATOM   405 C  C   . GLY A 1 57 ? -3.593  6.353   12.033  1.00 0.00 ? 57 GLY A C   1 
ATOM   406 O  O   . GLY A 1 57 ? -2.434  6.067   11.809  1.00 0.00 ? 57 GLY A O   1 
ATOM   407 N  N   . PRO A 1 58 ? -4.090  6.551   13.224  1.00 0.00 ? 58 PRO A N   1 
ATOM   408 C  CA  . PRO A 1 58 ? -3.277  6.443   14.443  1.00 0.00 ? 58 PRO A CA  1 
ATOM   409 C  C   . PRO A 1 58 ? -2.864  4.991   14.681  1.00 0.00 ? 58 PRO A C   1 
ATOM   410 O  O   . PRO A 1 58 ? -1.835  4.756   15.282  1.00 0.00 ? 58 PRO A O   1 
ATOM   411 C  CB  . PRO A 1 58 ? -4.214  6.923   15.569  1.00 0.00 ? 58 PRO A CB  1 
ATOM   412 C  CG  . PRO A 1 58 ? -5.614  7.173   14.943  1.00 0.00 ? 58 PRO A CG  1 
ATOM   413 C  CD  . PRO A 1 58 ? -5.499  6.913   13.434  1.00 0.00 ? 58 PRO A CD  1 
ATOM   414 N  N   . ILE A 1 59 ? -3.658  4.067   14.212  1.00 0.00 ? 59 ILE A N   1 
ATOM   415 C  CA  . ILE A 1 59 ? -3.315  2.638   14.410  1.00 0.00 ? 59 ILE A CA  1 
ATOM   416 C  C   . ILE A 1 59 ? -2.270  2.200   13.386  1.00 0.00 ? 59 ILE A C   1 
ATOM   417 O  O   . ILE A 1 59 ? -2.507  2.296   12.198  1.00 0.00 ? 59 ILE A O   1 
ATOM   418 C  CB  . ILE A 1 59 ? -4.602  1.838   14.215  1.00 0.00 ? 59 ILE A CB  1 
ATOM   419 C  CG1 . ILE A 1 59 ? -5.045  1.953   12.760  1.00 0.00 ? 59 ILE A CG1 1 
ATOM   420 C  CG2 . ILE A 1 59 ? -5.689  2.476   15.090  1.00 0.00 ? 59 ILE A CG2 1 
ATOM   421 C  CD1 . ILE A 1 59 ? -6.353  1.173   12.606  1.00 0.00 ? 59 ILE A CD1 1 
ATOM   422 N  N   . PRO A 1 60 ? -1.154  1.738   13.881  1.00 0.00 ? 60 PRO A N   1 
ATOM   423 C  CA  . PRO A 1 60 ? -0.053  1.275   13.027  1.00 0.00 ? 60 PRO A CA  1 
ATOM   424 C  C   . PRO A 1 60 ? -0.506  0.090   12.176  1.00 0.00 ? 60 PRO A C   1 
ATOM   425 O  O   . PRO A 1 60 ? -1.635  -0.339  12.308  1.00 0.00 ? 60 PRO A O   1 
ATOM   426 C  CB  . PRO A 1 60 ? 1.044   0.843   14.018  1.00 0.00 ? 60 PRO A CB  1 
ATOM   427 C  CG  . PRO A 1 60 ? 0.497   1.063   15.455  1.00 0.00 ? 60 PRO A CG  1 
ATOM   428 C  CD  . PRO A 1 60 ? -0.916  1.650   15.328  1.00 0.00 ? 60 PRO A CD  1 
ATOM   429 N  N   . MET A 1 61 ? 0.364   -0.405  11.338  1.00 0.00 ? 61 MET A N   1 
ATOM   430 C  CA  . MET A 1 61 ? -0.021  -1.559  10.483  1.00 0.00 ? 61 MET A CA  1 
ATOM   431 C  C   . MET A 1 61 ? 1.044   -2.649  10.569  1.00 0.00 ? 61 MET A C   1 
ATOM   432 O  O   . MET A 1 61 ? 2.173   -2.426  10.181  1.00 0.00 ? 61 MET A O   1 
ATOM   433 C  CB  . MET A 1 61 ? -0.130  -1.049  9.043   1.00 0.00 ? 61 MET A CB  1 
ATOM   434 C  CG  . MET A 1 61 ? -0.342  -2.261  8.133   1.00 0.00 ? 61 MET A CG  1 
ATOM   435 S  SD  . MET A 1 61 ? 0.274   -2.115  6.436   1.00 0.00 ? 61 MET A SD  1 
ATOM   436 C  CE  . MET A 1 61 ? 1.980   -1.543  6.631   1.00 0.00 ? 61 MET A CE  1 
ATOM   437 N  N   . PRO A 1 62 ? 0.647   -3.787  11.073  1.00 0.00 ? 62 PRO A N   1 
ATOM   438 C  CA  . PRO A 1 62 ? 1.551   -4.933  11.222  1.00 0.00 ? 62 PRO A CA  1 
ATOM   439 C  C   . PRO A 1 62 ? 2.094   -5.363  9.859   1.00 0.00 ? 62 PRO A C   1 
ATOM   440 O  O   . PRO A 1 62 ? 1.478   -5.089  8.848   1.00 0.00 ? 62 PRO A O   1 
ATOM   441 C  CB  . PRO A 1 62 ? 0.669   -6.042  11.828  1.00 0.00 ? 62 PRO A CB  1 
ATOM   442 C  CG  . PRO A 1 62 ? -0.757  -5.455  12.027  1.00 0.00 ? 62 PRO A CG  1 
ATOM   443 C  CD  . PRO A 1 62 ? -0.734  -4.003  11.526  1.00 0.00 ? 62 PRO A CD  1 
ATOM   444 N  N   . PRO A 1 63 ? 3.223   -6.017  9.880   1.00 0.00 ? 63 PRO A N   1 
ATOM   445 C  CA  . PRO A 1 63 ? 3.871   -6.497  8.655   1.00 0.00 ? 63 PRO A CA  1 
ATOM   446 C  C   . PRO A 1 63 ? 2.957   -7.477  7.919   1.00 0.00 ? 63 PRO A C   1 
ATOM   447 O  O   . PRO A 1 63 ? 1.976   -7.913  8.485   1.00 0.00 ? 63 PRO A O   1 
ATOM   448 C  CB  . PRO A 1 63 ? 5.146   -7.209  9.147   1.00 0.00 ? 63 PRO A CB  1 
ATOM   449 C  CG  . PRO A 1 63 ? 5.176   -7.104  10.698  1.00 0.00 ? 63 PRO A CG  1 
ATOM   450 C  CD  . PRO A 1 63 ? 3.926   -6.325  11.134  1.00 0.00 ? 63 PRO A CD  1 
ATOM   451 N  N   . ASN A 1 64 ? 3.295   -7.795  6.699   1.00 0.00 ? 64 ASN A N   1 
ATOM   452 C  CA  . ASN A 1 64 ? 2.446   -8.743  5.932   1.00 0.00 ? 64 ASN A CA  1 
ATOM   453 C  C   . ASN A 1 64 ? 3.310   -9.854  5.341   1.00 0.00 ? 64 ASN A C   1 
ATOM   454 O  O   . ASN A 1 64 ? 4.519   -9.730  5.306   1.00 0.00 ? 64 ASN A O   1 
ATOM   455 C  CB  . ASN A 1 64 ? 1.775   -7.949  4.805   1.00 0.00 ? 64 ASN A CB  1 
ATOM   456 C  CG  . ASN A 1 64 ? 0.864   -6.878  5.408   1.00 0.00 ? 64 ASN A CG  1 
ATOM   457 O  OD1 . ASN A 1 64 ? 0.229   -7.122  6.414   1.00 0.00 ? 64 ASN A OD1 1 
ATOM   458 N  ND2 . ASN A 1 64 ? 0.775   -5.707  4.839   1.00 0.00 ? 64 ASN A ND2 1 
ATOM   459 N  N   . PRO A 1 65 ? 2.662   -10.897 4.898   1.00 0.00 ? 65 PRO A N   1 
ATOM   460 C  CA  . PRO A 1 65 ? 3.347   -12.051 4.300   1.00 0.00 ? 65 PRO A CA  1 
ATOM   461 C  C   . PRO A 1 65 ? 4.050   -11.645 3.005   1.00 0.00 ? 65 PRO A C   1 
ATOM   462 O  O   . PRO A 1 65 ? 4.546   -12.505 2.304   1.00 0.00 ? 65 PRO A O   1 
ATOM   463 C  CB  . PRO A 1 65 ? 2.215   -13.055 4.006   1.00 0.00 ? 65 PRO A CB  1 
ATOM   464 C  CG  . PRO A 1 65 ? 0.872   -12.387 4.408   1.00 0.00 ? 65 PRO A CG  1 
ATOM   465 C  CD  . PRO A 1 65 ? 1.198   -10.997 4.976   1.00 0.00 ? 65 PRO A CD  1 
ATOM   466 N  N   . VAL A 1 66 ? 4.079   -10.372 2.720   1.00 0.00 ? 66 VAL A N   1 
ATOM   467 C  CA  . VAL A 1 66 ? 4.749   -9.917  1.474   1.00 0.00 ? 66 VAL A CA  1 
ATOM   468 C  C   . VAL A 1 66 ? 6.255   -9.867  1.684   1.00 0.00 ? 66 VAL A C   1 
ATOM   469 O  O   . VAL A 1 66 ? 6.727   -10.280 2.724   1.00 0.00 ? 66 VAL A O   1 
ATOM   470 C  CB  . VAL A 1 66 ? 4.233   -8.509  1.166   1.00 0.00 ? 66 VAL A CB  1 
ATOM   471 C  CG1 . VAL A 1 66 ? 2.971   -8.270  1.990   1.00 0.00 ? 66 VAL A CG1 1 
ATOM   472 C  CG2 . VAL A 1 66 ? 5.292   -7.496  1.609   1.00 0.00 ? 66 VAL A CG2 1 
ATOM   473 N  N   . THR A 1 67 ? 6.965   -9.371  0.710   1.00 0.00 ? 67 THR A N   1 
ATOM   474 C  CA  . THR A 1 67 ? 8.435   -9.296  0.856   1.00 0.00 ? 67 THR A CA  1 
ATOM   475 C  C   . THR A 1 67 ? 8.955   -8.014  0.208   1.00 0.00 ? 67 THR A C   1 
ATOM   476 O  O   . THR A 1 67 ? 8.206   -7.067  0.080   1.00 0.00 ? 67 THR A O   1 
ATOM   477 C  CB  . THR A 1 67 ? 9.035   -10.519 0.158   1.00 0.00 ? 67 THR A CB  1 
ATOM   478 O  OG1 . THR A 1 67 ? 9.351   -10.069 -1.147  1.00 0.00 ? 67 THR A OG1 1 
ATOM   479 C  CG2 . THR A 1 67 ? 7.959   -11.588 -0.067  1.00 0.00 ? 67 THR A CG2 1 
ATOM   480 N  N   . GLU A 1 68 ? 10.201  -8.012  -0.180  1.00 0.00 ? 68 GLU A N   1 
ATOM   481 C  CA  . GLU A 1 68 ? 10.761  -6.793  -0.819  1.00 0.00 ? 68 GLU A CA  1 
ATOM   482 C  C   . GLU A 1 68 ? 10.088  -6.561  -2.167  1.00 0.00 ? 68 GLU A C   1 
ATOM   483 O  O   . GLU A 1 68 ? 9.306   -5.640  -2.295  1.00 0.00 ? 68 GLU A O   1 
ATOM   484 C  CB  . GLU A 1 68 ? 12.263  -7.026  -1.022  1.00 0.00 ? 68 GLU A CB  1 
ATOM   485 C  CG  . GLU A 1 68 ? 12.798  -7.754  0.213   1.00 0.00 ? 68 GLU A CG  1 
ATOM   486 C  CD  . GLU A 1 68 ? 14.328  -7.743  0.188   1.00 0.00 ? 68 GLU A CD  1 
ATOM   487 O  OE1 . GLU A 1 68 ? 14.852  -6.846  -0.453  1.00 0.00 ? 68 GLU A OE1 1 
ATOM   488 O  OE2 . GLU A 1 68 ? 14.886  -8.632  0.809   1.00 0.00 ? 68 GLU A OE2 1 
ATOM   489 N  N   . GLU A 1 69 ? 10.404  -7.385  -3.124  1.00 0.00 ? 69 GLU A N   1 
ATOM   490 C  CA  . GLU A 1 69 ? 9.794   -7.228  -4.461  1.00 0.00 ? 69 GLU A CA  1 
ATOM   491 C  C   . GLU A 1 69 ? 8.272   -7.266  -4.353  1.00 0.00 ? 69 GLU A C   1 
ATOM   492 O  O   . GLU A 1 69 ? 7.602   -6.660  -5.167  1.00 0.00 ? 69 GLU A O   1 
ATOM   493 C  CB  . GLU A 1 69 ? 10.287  -8.401  -5.309  1.00 0.00 ? 69 GLU A CB  1 
ATOM   494 C  CG  . GLU A 1 69 ? 9.822   -8.157  -6.737  1.00 0.00 ? 69 GLU A CG  1 
ATOM   495 C  CD  . GLU A 1 69 ? 10.114  -9.392  -7.591  1.00 0.00 ? 69 GLU A CD  1 
ATOM   496 O  OE1 . GLU A 1 69 ? 9.632   -10.444 -7.205  1.00 0.00 ? 69 GLU A OE1 1 
ATOM   497 O  OE2 . GLU A 1 69 ? 10.805  -9.213  -8.581  1.00 0.00 ? 69 GLU A OE2 1 
ATOM   498 N  N   . GLU A 1 70 ? 7.768   -7.961  -3.371  1.00 0.00 ? 70 GLU A N   1 
ATOM   499 C  CA  . GLU A 1 70 ? 6.293   -8.036  -3.215  1.00 0.00 ? 70 GLU A CA  1 
ATOM   500 C  C   . GLU A 1 70 ? 5.763   -6.721  -2.648  1.00 0.00 ? 70 GLU A C   1 
ATOM   501 O  O   . GLU A 1 70 ? 4.613   -6.397  -2.872  1.00 0.00 ? 70 GLU A O   1 
ATOM   502 C  CB  . GLU A 1 70 ? 5.993   -9.183  -2.242  1.00 0.00 ? 70 GLU A CB  1 
ATOM   503 C  CG  . GLU A 1 70 ? 6.232   -10.500 -2.982  1.00 0.00 ? 70 GLU A CG  1 
ATOM   504 C  CD  . GLU A 1 70 ? 5.051   -10.785 -3.911  1.00 0.00 ? 70 GLU A CD  1 
ATOM   505 O  OE1 . GLU A 1 70 ? 4.064   -10.082 -3.765  1.00 0.00 ? 70 GLU A OE1 1 
ATOM   506 O  OE2 . GLU A 1 70 ? 5.199   -11.691 -4.714  1.00 0.00 ? 70 GLU A OE2 1 
ATOM   507 N  N   . ALA A 1 71 ? 6.595   -6.007  -1.941  1.00 0.00 ? 71 ALA A N   1 
ATOM   508 C  CA  . ALA A 1 71 ? 6.136   -4.717  -1.362  1.00 0.00 ? 71 ALA A CA  1 
ATOM   509 C  C   . ALA A 1 71 ? 6.398   -3.575  -2.341  1.00 0.00 ? 71 ALA A C   1 
ATOM   510 O  O   . ALA A 1 71 ? 5.536   -2.736  -2.515  1.00 0.00 ? 71 ALA A O   1 
ATOM   511 C  CB  . ALA A 1 71 ? 6.934   -4.487  -0.073  1.00 0.00 ? 71 ALA A CB  1 
ATOM   512 N  N   . LYS A 1 72 ? 7.553   -3.564  -2.947  1.00 0.00 ? 72 LYS A N   1 
ATOM   513 C  CA  . LYS A 1 72 ? 7.852   -2.471  -3.908  1.00 0.00 ? 72 LYS A CA  1 
ATOM   514 C  C   . LYS A 1 72 ? 6.766   -2.412  -4.974  1.00 0.00 ? 72 LYS A C   1 
ATOM   515 O  O   . LYS A 1 72 ? 6.084   -1.415  -5.071  1.00 0.00 ? 72 LYS A O   1 
ATOM   516 C  CB  . LYS A 1 72 ? 9.199   -2.775  -4.574  1.00 0.00 ? 72 LYS A CB  1 
ATOM   517 C  CG  . LYS A 1 72 ? 10.112  -3.437  -3.540  1.00 0.00 ? 72 LYS A CG  1 
ATOM   518 C  CD  . LYS A 1 72 ? 11.161  -2.406  -3.121  1.00 0.00 ? 72 LYS A CD  1 
ATOM   519 C  CE  . LYS A 1 72 ? 12.395  -3.169  -2.635  1.00 0.00 ? 72 LYS A CE  1 
ATOM   520 N  NZ  . LYS A 1 72 ? 13.601  -2.688  -3.368  1.00 0.00 ? 72 LYS A NZ  1 
ATOM   521 N  N   . ILE A 1 73 ? 6.631   -3.463  -5.735  1.00 0.00 ? 73 ILE A N   1 
ATOM   522 C  CA  . ILE A 1 73 ? 5.588   -3.462  -6.793  1.00 0.00 ? 73 ILE A CA  1 
ATOM   523 C  C   . ILE A 1 73 ? 4.281   -2.931  -6.225  1.00 0.00 ? 73 ILE A C   1 
ATOM   524 O  O   . ILE A 1 73 ? 3.621   -2.149  -6.879  1.00 0.00 ? 73 ILE A O   1 
ATOM   525 C  CB  . ILE A 1 73 ? 5.405   -4.904  -7.266  1.00 0.00 ? 73 ILE A CB  1 
ATOM   526 C  CG1 . ILE A 1 73 ? 6.106   -5.079  -8.610  1.00 0.00 ? 73 ILE A CG1 1 
ATOM   527 C  CG2 . ILE A 1 73 ? 3.905   -5.137  -7.484  1.00 0.00 ? 73 ILE A CG2 1 
ATOM   528 C  CD1 . ILE A 1 73 ? 7.424   -5.812  -8.357  1.00 0.00 ? 73 ILE A CD1 1 
ATOM   529 N  N   . LEU A 1 74 ? 3.939   -3.360  -5.046  1.00 0.00 ? 74 LEU A N   1 
ATOM   530 C  CA  . LEU A 1 74 ? 2.676   -2.877  -4.440  1.00 0.00 ? 74 LEU A CA  1 
ATOM   531 C  C   . LEU A 1 74 ? 2.796   -1.384  -4.197  1.00 0.00 ? 74 LEU A C   1 
ATOM   532 O  O   . LEU A 1 74 ? 1.811   -0.676  -4.268  1.00 0.00 ? 74 LEU A O   1 
ATOM   533 C  CB  . LEU A 1 74 ? 2.506   -3.605  -3.107  1.00 0.00 ? 74 LEU A CB  1 
ATOM   534 C  CG  . LEU A 1 74 ? 1.847   -4.951  -3.393  1.00 0.00 ? 74 LEU A CG  1 
ATOM   535 C  CD1 . LEU A 1 74 ? 2.533   -5.586  -4.602  1.00 0.00 ? 74 LEU A CD1 1 
ATOM   536 C  CD2 . LEU A 1 74 ? 2.064   -5.854  -2.180  1.00 0.00 ? 74 LEU A CD2 1 
ATOM   537 N  N   . ALA A 1 75 ? 3.989   -0.958  -3.919  1.00 0.00 ? 75 ALA A N   1 
ATOM   538 C  CA  . ALA A 1 75 ? 4.215   0.485   -3.664  1.00 0.00 ? 75 ALA A CA  1 
ATOM   539 C  C   . ALA A 1 75 ? 4.110   1.256   -4.977  1.00 0.00 ? 75 ALA A C   1 
ATOM   540 O  O   . ALA A 1 75 ? 3.406   2.245   -5.032  1.00 0.00 ? 75 ALA A O   1 
ATOM   541 C  CB  . ALA A 1 75 ? 5.625   0.633   -3.083  1.00 0.00 ? 75 ALA A CB  1 
ATOM   542 N  N   . GLU A 1 76 ? 4.796   0.794   -5.986  1.00 0.00 ? 76 GLU A N   1 
ATOM   543 C  CA  . GLU A 1 76 ? 4.734   1.500   -7.291  1.00 0.00 ? 76 GLU A CA  1 
ATOM   544 C  C   . GLU A 1 76 ? 3.322   1.408   -7.859  1.00 0.00 ? 76 GLU A C   1 
ATOM   545 O  O   . GLU A 1 76 ? 2.867   2.349   -8.478  1.00 0.00 ? 76 GLU A O   1 
ATOM   546 C  CB  . GLU A 1 76 ? 5.724   0.810   -8.235  1.00 0.00 ? 76 GLU A CB  1 
ATOM   547 C  CG  . GLU A 1 76 ? 7.089   0.784   -7.545  1.00 0.00 ? 76 GLU A CG  1 
ATOM   548 C  CD  . GLU A 1 76 ? 8.188   0.607   -8.594  1.00 0.00 ? 76 GLU A CD  1 
ATOM   549 O  OE1 . GLU A 1 76 ? 8.350   -0.522  -9.023  1.00 0.00 ? 76 GLU A OE1 1 
ATOM   550 O  OE2 . GLU A 1 76 ? 8.804   1.613   -8.907  1.00 0.00 ? 76 GLU A OE2 1 
ATOM   551 N  N   . TRP A 1 77 ? 2.669   0.299   -7.642  1.00 0.00 ? 77 TRP A N   1 
ATOM   552 C  CA  . TRP A 1 77 ? 1.291   0.153   -8.172  1.00 0.00 ? 77 TRP A CA  1 
ATOM   553 C  C   . TRP A 1 77 ? 0.332   0.993   -7.332  1.00 0.00 ? 77 TRP A C   1 
ATOM   554 O  O   . TRP A 1 77 ? -0.557  1.613   -7.882  1.00 0.00 ? 77 TRP A O   1 
ATOM   555 C  CB  . TRP A 1 77 ? 0.912   -1.329  -8.075  1.00 0.00 ? 77 TRP A CB  1 
ATOM   556 C  CG  . TRP A 1 77 ? -0.492  -1.532  -8.647  1.00 0.00 ? 77 TRP A CG  1 
ATOM   557 C  CD1 . TRP A 1 77 ? -0.798  -1.547  -9.956  1.00 0.00 ? 77 TRP A CD1 1 
ATOM   558 C  CD2 . TRP A 1 77 ? -1.594  -1.707  -7.921  1.00 0.00 ? 77 TRP A CD2 1 
ATOM   559 N  NE1 . TRP A 1 77 ? -2.119  -1.737  -9.967  1.00 0.00 ? 77 TRP A NE1 1 
ATOM   560 C  CE2 . TRP A 1 77 ? -2.695  -1.847  -8.743  1.00 0.00 ? 77 TRP A CE2 1 
ATOM   561 C  CE3 . TRP A 1 77 ? -1.744  -1.759  -6.549  1.00 0.00 ? 77 TRP A CE3 1 
ATOM   562 C  CZ2 . TRP A 1 77 ? -3.946  -2.038  -8.192  1.00 0.00 ? 77 TRP A CZ2 1 
ATOM   563 C  CZ3 . TRP A 1 77 ? -2.997  -1.950  -6.000  1.00 0.00 ? 77 TRP A CZ3 1 
ATOM   564 C  CH2 . TRP A 1 77 ? -4.097  -2.088  -6.822  1.00 0.00 ? 77 TRP A CH2 1 
ATOM   565 N  N   . ILE A 1 78 ? 0.530   0.992   -6.042  1.00 0.00 ? 78 ILE A N   1 
ATOM   566 C  CA  . ILE A 1 78 ? -0.366  1.789   -5.165  1.00 0.00 ? 78 ILE A CA  1 
ATOM   567 C  C   . ILE A 1 78 ? -0.182  3.277   -5.451  1.00 0.00 ? 78 ILE A C   1 
ATOM   568 O  O   . ILE A 1 78 ? -1.132  4.025   -5.341  1.00 0.00 ? 78 ILE A O   1 
ATOM   569 C  CB  . ILE A 1 78 ? 0.024   1.484   -3.718  1.00 0.00 ? 78 ILE A CB  1 
ATOM   570 C  CG1 . ILE A 1 78 ? -0.647  0.184   -3.287  1.00 0.00 ? 78 ILE A CG1 1 
ATOM   571 C  CG2 . ILE A 1 78 ? -0.526  2.611   -2.835  1.00 0.00 ? 78 ILE A CG2 1 
ATOM   572 C  CD1 . ILE A 1 78 ? 0.040   -0.292  -2.005  1.00 0.00 ? 78 ILE A CD1 1 
ATOM   573 N  N   . LEU A 1 79 ? 1.014   3.667   -5.803  1.00 0.00 ? 79 LEU A N   1 
ATOM   574 C  CA  . LEU A 1 79 ? 1.254   5.104   -6.095  1.00 0.00 ? 79 LEU A CA  1 
ATOM   575 C  C   . LEU A 1 79 ? 0.842   5.405   -7.533  1.00 0.00 ? 79 LEU A C   1 
ATOM   576 O  O   . LEU A 1 79 ? 0.443   6.515   -7.820  1.00 0.00 ? 79 LEU A O   1 
ATOM   577 C  CB  . LEU A 1 79 ? 2.753   5.369   -5.911  1.00 0.00 ? 79 LEU A CB  1 
ATOM   578 C  CG  . LEU A 1 79 ? 3.069   5.228   -4.421  1.00 0.00 ? 79 LEU A CG  1 
ATOM   579 C  CD1 . LEU A 1 79 ? 3.909   6.430   -3.985  1.00 0.00 ? 79 LEU A CD1 1 
ATOM   580 C  CD2 . LEU A 1 79 ? 1.751   5.252   -3.646  1.00 0.00 ? 79 LEU A CD2 1 
ATOM   581 N  N   . SER A 1 80 ? 0.947   4.424   -8.387  1.00 0.00 ? 80 SER A N   1 
ATOM   582 C  CA  . SER A 1 80 ? 0.562   4.643   -9.804  1.00 0.00 ? 80 SER A CA  1 
ATOM   583 C  C   . SER A 1 80 ? -0.723  3.879   -10.108 1.00 0.00 ? 80 SER A C   1 
ATOM   584 O  O   . SER A 1 80 ? -0.939  3.497   -11.241 1.00 0.00 ? 80 SER A O   1 
ATOM   585 C  CB  . SER A 1 80 ? 1.706   4.112   -10.677 1.00 0.00 ? 80 SER A CB  1 
ATOM   586 O  OG  . SER A 1 80 ? 2.177   5.275   -11.343 1.00 0.00 ? 80 SER A OG  1 
ATOM   587 N  N   . GLN A 1 81 ? -1.534  3.677   -9.104  1.00 0.00 ? 81 GLN A N   1 
ATOM   588 C  CA  . GLN A 1 81 ? -2.807  2.939   -9.323  1.00 0.00 ? 81 GLN A CA  1 
ATOM   589 C  C   . GLN A 1 81 ? -3.552  3.525   -10.519 1.00 0.00 ? 81 GLN A C   1 
ATOM   590 O  O   . GLN A 1 81 ? -3.896  4.690   -10.495 1.00 0.00 ? 81 GLN A O   1 
ATOM   591 C  CB  . GLN A 1 81 ? -3.654  3.099   -8.055  1.00 0.00 ? 81 GLN A CB  1 
ATOM   592 C  CG  . GLN A 1 81 ? -3.316  1.938   -7.119  1.00 0.00 ? 81 GLN A CG  1 
ATOM   593 C  CD  . GLN A 1 81 ? -4.607  1.243   -6.684  1.00 0.00 ? 81 GLN A CD  1 
ATOM   594 O  OE1 . GLN A 1 81 ? -4.575  0.399   -5.811  1.00 0.00 ? 81 GLN A OE1 1 
ATOM   595 N  NE2 . GLN A 1 81 ? -5.737  1.558   -7.256  1.00 0.00 ? 81 GLN A NE2 1 
ATOM   596 N  N   . LYS A 1 82 ? -3.785  2.719   -11.518 1.00 0.00 ? 82 LYS A N   1 
ATOM   597 C  CA  . LYS A 1 82 ? -4.505  3.227   -12.713 1.00 0.00 ? 82 LYS A CA  1 
ATOM   598 C  C   . LYS A 1 82 ? -5.569  2.222   -13.145 1.00 0.00 ? 82 LYS A C   1 
ATOM   599 O  O   . LYS A 1 82 ? -5.208  1.060   -13.243 1.00 0.00 ? 82 LYS A O   1 
ATOM   600 C  CB  . LYS A 1 82 ? -3.470  3.404   -13.828 1.00 0.00 ? 82 LYS A CB  1 
ATOM   601 C  CG  . LYS A 1 82 ? -3.963  4.514   -14.755 1.00 0.00 ? 82 LYS A CG  1 
ATOM   602 C  CD  . LYS A 1 82 ? -3.157  4.427   -16.052 1.00 0.00 ? 82 LYS A CD  1 
ATOM   603 C  CE  . LYS A 1 82 ? -2.725  5.846   -16.429 1.00 0.00 ? 82 LYS A CE  1 
ATOM   604 N  NZ  . LYS A 1 82 ? -3.872  6.570   -17.045 1.00 0.00 ? 82 LYS A NZ  1 
ATOM   605 O  OXT . LYS A 1 82 ? -6.684  2.669   -13.354 1.00 0.00 ? 82 LYS A OXT 1 
HETATM 606 FE FE  . HEC B 2 .  ? -1.484  -1.443  4.988   1.00 0.00 ? 83 HEC A FE  1 
HETATM 607 C  CHA . HEC B 2 .  ? -0.751  1.806   5.582   1.00 0.00 ? 83 HEC A CHA 1 
HETATM 608 C  CHB . HEC B 2 .  ? 0.657   -1.452  2.361   1.00 0.00 ? 83 HEC A CHB 1 
HETATM 609 C  CHC . HEC B 2 .  ? -2.238  -4.688  4.378   1.00 0.00 ? 83 HEC A CHC 1 
HETATM 610 C  CHD . HEC B 2 .  ? -3.666  -1.427  7.578   1.00 0.00 ? 83 HEC A CHD 1 
HETATM 611 N  NA  . HEC B 2 .  ? -0.287  -0.100  4.149   1.00 0.00 ? 83 HEC A NA  1 
HETATM 612 C  C1A . HEC B 2 .  ? -0.107  1.205   4.521   1.00 0.00 ? 83 HEC A C1A 1 
HETATM 613 C  C2A . HEC B 2 .  ? 0.796   1.836   3.688   1.00 0.00 ? 83 HEC A C2A 1 
HETATM 614 C  C3A . HEC B 2 .  ? 1.202   0.905   2.767   1.00 0.00 ? 83 HEC A C3A 1 
HETATM 615 C  C4A . HEC B 2 .  ? 0.532   -0.269  3.063   1.00 0.00 ? 83 HEC A C4A 1 
HETATM 616 C  CMA . HEC B 2 .  ? 2.196   1.121   1.632   1.00 0.00 ? 83 HEC A CMA 1 
HETATM 617 C  CAA . HEC B 2 .  ? 1.244   3.289   3.780   1.00 0.00 ? 83 HEC A CAA 1 
HETATM 618 C  CBA . HEC B 2 .  ? 2.420   3.407   4.749   1.00 0.00 ? 83 HEC A CBA 1 
HETATM 619 C  CGA . HEC B 2 .  ? 2.852   4.872   4.850   1.00 0.00 ? 83 HEC A CGA 1 
HETATM 620 O  O1A . HEC B 2 .  ? 3.778   5.183   5.572   1.00 0.00 ? 83 HEC A O1A 1 
HETATM 621 O  O2A . HEC B 2 .  ? 2.270   5.722   4.207   1.00 0.00 ? 83 HEC A O2A 1 
HETATM 622 N  NB  . HEC B 2 .  ? -0.907  -2.794  3.646   1.00 0.00 ? 83 HEC A NB  1 
HETATM 623 C  C1B . HEC B 2 .  ? -0.009  -2.631  2.625   1.00 0.00 ? 83 HEC A C1B 1 
HETATM 624 C  C2B . HEC B 2 .  ? 0.135   -3.808  1.904   1.00 0.00 ? 83 HEC A C2B 1 
HETATM 625 C  C3B . HEC B 2 .  ? -0.696  -4.731  2.485   1.00 0.00 ? 83 HEC A C3B 1 
HETATM 626 C  C4B . HEC B 2 .  ? -1.320  -4.096  3.541   1.00 0.00 ? 83 HEC A C4B 1 
HETATM 627 C  CMB . HEC B 2 .  ? 1.038   -4.034  0.699   1.00 0.00 ? 83 HEC A CMB 1 
HETATM 628 C  CAB . HEC B 2 .  ? -0.892  -6.183  2.057   1.00 0.00 ? 83 HEC A CAB 1 
HETATM 629 C  CBB . HEC B 2 .  ? 0.417   -6.934  2.302   1.00 0.00 ? 83 HEC A CBB 1 
HETATM 630 N  NC  . HEC B 2 .  ? -2.694  -2.784  5.813   1.00 0.00 ? 83 HEC A NC  1 
HETATM 631 C  C1C . HEC B 2 .  ? -2.884  -4.085  5.432   1.00 0.00 ? 83 HEC A C1C 1 
HETATM 632 C  C2C . HEC B 2 .  ? -3.821  -4.703  6.235   1.00 0.00 ? 83 HEC A C2C 1 
HETATM 633 C  C3C . HEC B 2 .  ? -4.239  -3.768  7.144   1.00 0.00 ? 83 HEC A C3C 1 
HETATM 634 C  C4C . HEC B 2 .  ? -3.535  -2.608  6.878   1.00 0.00 ? 83 HEC A C4C 1 
HETATM 635 C  CMC . HEC B 2 .  ? -4.306  -6.143  6.124   1.00 0.00 ? 83 HEC A CMC 1 
HETATM 636 C  CAC . HEC B 2 .  ? -5.277  -3.971  8.237   1.00 0.00 ? 83 HEC A CAC 1 
HETATM 637 C  CBC . HEC B 2 .  ? -4.730  -4.986  9.243   1.00 0.00 ? 83 HEC A CBC 1 
HETATM 638 N  ND  . HEC B 2 .  ? -2.075  -0.091  6.318   1.00 0.00 ? 83 HEC A ND  1 
HETATM 639 C  C1D . HEC B 2 .  ? -2.989  -0.252  7.326   1.00 0.00 ? 83 HEC A C1D 1 
HETATM 640 C  C2D . HEC B 2 .  ? -3.141  0.921   8.044   1.00 0.00 ? 83 HEC A C2D 1 
HETATM 641 C  C3D . HEC B 2 .  ? -2.305  1.844   7.473   1.00 0.00 ? 83 HEC A C3D 1 
HETATM 642 C  C4D . HEC B 2 .  ? -1.667  1.211   6.423   1.00 0.00 ? 83 HEC A C4D 1 
HETATM 643 C  CMD . HEC B 2 .  ? -4.061  1.144   9.236   1.00 0.00 ? 83 HEC A CMD 1 
HETATM 644 C  CAD . HEC B 2 .  ? -2.115  3.292   7.908   1.00 0.00 ? 83 HEC A CAD 1 
HETATM 645 C  CBD . HEC B 2 .  ? -0.906  3.379   8.841   1.00 0.00 ? 83 HEC A CBD 1 
HETATM 646 C  CGD . HEC B 2 .  ? -0.690  4.831   9.262   1.00 0.00 ? 83 HEC A CGD 1 
HETATM 647 O  O1D . HEC B 2 .  ? -0.469  5.678   8.420   1.00 0.00 ? 83 HEC A O1D 1 
HETATM 648 O  O2D . HEC B 2 .  ? -0.743  5.138   10.436  1.00 0.00 ? 83 HEC A O2D 1 
# 
